data_3NP7
#
_entry.id   3NP7
#
_cell.length_a   128.728
_cell.length_b   128.728
_cell.length_c   116.200
_cell.angle_alpha   90.00
_cell.angle_beta   90.00
_cell.angle_gamma   90.00
#
_symmetry.space_group_name_H-M   'P 43 21 2'
#
loop_
_entity.id
_entity.type
_entity.pdbx_description
1 polymer 'Glycogen phosphorylase, muscle form'
2 non-polymer (1S)-1,5-anhydro-1-(4-chloro-2,5-dihydroxyphenyl)-D-glucitol
3 non-polymer (1S)-1,5-anhydro-1-(3-chloro-2,5-dihydroxyphenyl)-D-glucitol
4 water water
#
_entity_poly.entity_id   1
_entity_poly.type   'polypeptide(L)'
_entity_poly.pdbx_seq_one_letter_code
;SRPLSDQEKRKQISVRGLAGVENVTELKKNFNRHLHFTLVKDRNVATPRDYYFALAHTVRDHLVGRWIRTQQHYYEKDPK
RIYYLSLEFYMGRTLQNTMVNLALENACDEATYQLGLDMEELEEIEEDAGLGNGGLGRLAACFLDSMATLGLAAYGYGIR
YEFGIFNQKICGGWQMEEADDWLRYGNPWEKARPEFTLPVHFYGRVEHTSQGAKWVDTQVVLAMPYDTPVPGYRNNVVNT
MRLWSAKAPNDFNLKDFNVGGYIQAVLDRNLAENISRVLYPNDNFFEGKELRLKQEYFVVAATLQDIIRRFKSSKFGCRD
PVRTNFDAFPDKVAIQLNDTHPSLAIPELMRVLVDLERLDWDKAWEVTVKTCAYTNHTVLPEALERWPVHLLETLLPRHL
QIIYEINQRFLNRVAAAFPGDVDRLRRMSLVEEGAVKRINMAHLCIAGSHAVNGVARIHSEILKKTIFKDFYELEPHKFQ
NKTNGITPRRWLVLCNPGLAEIIAERIGEEYISDLDQLRKLLSYVDDEAFIRDVAKVKQENKLKFAAYLEREYKVHINPN
SLFDVQVKRIHEYKRQLLNCLHVITLYNRIKKEPNKFVVPRTVMIGGKAAPGYHMAKMIIKLITAIGDVVNHDPVVGDRL
RVIFLENYRVSLAEKVIPAADLSEQISTAGTEASGTGNM(LLP)FMLNGALTIGTMDGANVEMAEEAGEENFFIFGMRVE
DVDRLDQRGYNAQEYYDRIPELRQIIEQLSSGFFSPKQPDLFKDIVNMLMHHDRFKVFADYEEYVKCQERVSALYKNPRE
WTRMVIRNIATSGKFSSDRTIAQYAREIWGVEPSRQRLPAPDEKIP
;
_entity_poly.pdbx_strand_id   A
#
loop_
_chem_comp.id
_chem_comp.type
_chem_comp.name
_chem_comp.formula
Z15 D-saccharide (1S)-1,5-anhydro-1-(4-chloro-2,5-dihydroxyphenyl)-D-glucitol 'C12 H15 Cl O7'
Z16 D-saccharide (1S)-1,5-anhydro-1-(3-chloro-2,5-dihydroxyphenyl)-D-glucitol 'C12 H15 Cl O7'
#
# COMPACT_ATOMS: atom_id res chain seq x y z
N GLN A 12 -6.97 -5.82 30.78
CA GLN A 12 -6.76 -7.29 30.66
C GLN A 12 -5.29 -7.65 30.36
N ILE A 13 -4.75 -7.10 29.26
CA ILE A 13 -3.35 -7.37 28.88
C ILE A 13 -2.44 -6.14 28.99
N SER A 14 -1.18 -6.40 29.35
CA SER A 14 -0.21 -5.36 29.71
C SER A 14 0.07 -4.29 28.64
N VAL A 15 0.36 -4.72 27.41
CA VAL A 15 0.75 -3.80 26.33
C VAL A 15 -0.33 -2.78 25.96
N ARG A 16 -1.57 -3.04 26.37
CA ARG A 16 -2.70 -2.18 26.08
C ARG A 16 -2.88 -0.99 27.03
N GLY A 17 -1.89 -0.77 27.91
CA GLY A 17 -1.85 0.40 28.79
C GLY A 17 -2.57 0.26 30.11
N LEU A 18 -2.55 1.33 30.90
CA LEU A 18 -3.18 1.37 32.22
C LEU A 18 -4.64 1.81 32.17
N ALA A 19 -5.47 1.18 32.99
CA ALA A 19 -6.86 1.59 33.16
C ALA A 19 -7.07 2.18 34.55
N GLY A 20 -6.54 3.39 34.75
CA GLY A 20 -6.65 4.10 36.02
C GLY A 20 -8.05 4.56 36.36
N VAL A 21 -8.33 4.69 37.65
CA VAL A 21 -9.65 5.08 38.16
C VAL A 21 -10.09 6.44 37.62
N GLU A 22 -9.19 7.42 37.71
CA GLU A 22 -9.46 8.78 37.24
C GLU A 22 -9.69 8.82 35.73
N ASN A 23 -8.90 8.07 34.98
CA ASN A 23 -9.02 7.98 33.52
C ASN A 23 -10.34 7.38 33.05
N VAL A 24 -10.70 6.23 33.62
CA VAL A 24 -11.93 5.52 33.24
C VAL A 24 -13.17 6.37 33.55
N THR A 25 -13.15 7.06 34.68
CA THR A 25 -14.26 7.92 35.10
C THR A 25 -14.42 9.11 34.13
N GLU A 26 -13.30 9.73 33.77
CA GLU A 26 -13.28 10.84 32.82
C GLU A 26 -13.73 10.43 31.40
N LEU A 27 -13.29 9.25 30.95
CA LEU A 27 -13.69 8.73 29.65
C LEU A 27 -15.20 8.45 29.57
N LYS A 28 -15.75 7.92 30.66
CA LYS A 28 -17.18 7.62 30.74
C LYS A 28 -18.05 8.87 30.65
N LYS A 29 -17.67 9.92 31.39
CA LYS A 29 -18.45 11.16 31.40
C LYS A 29 -18.36 11.90 30.05
N ASN A 30 -17.20 11.84 29.42
CA ASN A 30 -17.01 12.45 28.10
C ASN A 30 -17.71 11.67 26.99
N PHE A 31 -17.83 10.35 27.16
CA PHE A 31 -18.62 9.51 26.26
C PHE A 31 -20.10 9.90 26.33
N ASN A 32 -20.62 10.05 27.54
CA ASN A 32 -22.01 10.44 27.73
C ASN A 32 -22.29 11.87 27.27
N ARG A 33 -21.32 12.76 27.44
CA ARG A 33 -21.42 14.13 26.95
C ARG A 33 -21.57 14.14 25.41
N HIS A 34 -20.70 13.42 24.71
CA HIS A 34 -20.77 13.33 23.26
C HIS A 34 -22.07 12.70 22.77
N LEU A 35 -22.51 11.63 23.42
CA LEU A 35 -23.77 10.99 23.05
C LEU A 35 -24.95 11.97 23.12
N HIS A 36 -24.93 12.82 24.15
CA HIS A 36 -25.99 13.80 24.40
C HIS A 36 -25.84 15.02 23.50
N PHE A 37 -24.73 15.76 23.66
CA PHE A 37 -24.53 17.02 22.96
C PHE A 37 -24.11 16.88 21.49
N THR A 38 -23.33 15.86 21.17
CA THR A 38 -22.79 15.72 19.81
C THR A 38 -23.71 14.91 18.92
N LEU A 39 -24.16 13.77 19.41
CA LEU A 39 -25.03 12.91 18.60
C LEU A 39 -26.51 13.18 18.78
N VAL A 40 -26.87 13.96 19.81
CA VAL A 40 -28.27 14.30 20.13
C VAL A 40 -29.12 13.05 20.33
N LYS A 41 -28.64 12.14 21.18
CA LYS A 41 -29.34 10.91 21.49
C LYS A 41 -29.34 10.66 22.99
N ASP A 42 -30.15 9.69 23.43
CA ASP A 42 -29.98 9.11 24.76
C ASP A 42 -29.87 7.60 24.63
N ARG A 43 -29.65 6.92 25.75
CA ARG A 43 -29.43 5.47 25.76
C ARG A 43 -30.63 4.65 25.25
N ASN A 44 -31.81 5.26 25.16
CA ASN A 44 -33.00 4.56 24.69
C ASN A 44 -33.15 4.54 23.17
N VAL A 45 -32.60 5.57 22.51
CA VAL A 45 -32.75 5.71 21.07
C VAL A 45 -31.45 5.45 20.29
N ALA A 46 -30.33 5.45 21.01
CA ALA A 46 -29.01 5.29 20.39
C ALA A 46 -28.83 3.94 19.69
N THR A 47 -28.30 4.01 18.47
CA THR A 47 -27.92 2.81 17.70
C THR A 47 -26.46 2.47 18.01
N PRO A 48 -26.03 1.23 17.73
CA PRO A 48 -24.61 0.89 17.93
C PRO A 48 -23.64 1.82 17.19
N ARG A 49 -24.07 2.36 16.05
CA ARG A 49 -23.27 3.34 15.31
C ARG A 49 -23.11 4.65 16.08
N ASP A 50 -24.16 5.08 16.78
CA ASP A 50 -24.08 6.23 17.67
C ASP A 50 -23.05 6.00 18.77
N TYR A 51 -22.98 4.77 19.28
CA TYR A 51 -22.03 4.43 20.33
C TYR A 51 -20.59 4.48 19.82
N TYR A 52 -20.37 3.98 18.60
CA TYR A 52 -19.08 4.12 17.95
C TYR A 52 -18.68 5.60 17.85
N PHE A 53 -19.56 6.43 17.31
CA PHE A 53 -19.25 7.85 17.12
C PHE A 53 -18.97 8.58 18.45
N ALA A 54 -19.73 8.23 19.49
CA ALA A 54 -19.49 8.79 20.82
C ALA A 54 -18.08 8.46 21.30
N LEU A 55 -17.67 7.21 21.12
CA LEU A 55 -16.30 6.78 21.46
C LEU A 55 -15.25 7.48 20.58
N ALA A 56 -15.47 7.47 19.26
CA ALA A 56 -14.55 8.14 18.34
C ALA A 56 -14.32 9.60 18.73
N HIS A 57 -15.41 10.33 19.02
CA HIS A 57 -15.29 11.72 19.45
C HIS A 57 -14.56 11.86 20.78
N THR A 58 -14.78 10.91 21.68
CA THR A 58 -14.13 10.91 22.99
C THR A 58 -12.61 10.73 22.84
N VAL A 59 -12.21 9.79 21.98
CA VAL A 59 -10.77 9.53 21.74
C VAL A 59 -10.11 10.70 21.01
N ARG A 60 -10.82 11.23 20.02
CA ARG A 60 -10.36 12.38 19.25
C ARG A 60 -10.05 13.58 20.13
N ASP A 61 -10.86 13.80 21.17
CA ASP A 61 -10.63 14.89 22.11
C ASP A 61 -9.23 14.85 22.72
N HIS A 62 -8.72 13.64 22.96
CA HIS A 62 -7.36 13.46 23.53
C HIS A 62 -6.22 13.78 22.56
N LEU A 63 -6.54 13.85 21.28
CA LEU A 63 -5.56 14.17 20.24
C LEU A 63 -5.31 15.66 20.08
N VAL A 64 -6.36 16.46 20.27
CA VAL A 64 -6.35 17.87 19.85
C VAL A 64 -5.29 18.71 20.54
N GLY A 65 -5.16 18.55 21.87
CA GLY A 65 -4.14 19.26 22.62
C GLY A 65 -2.75 19.01 22.07
N ARG A 66 -2.46 17.74 21.82
CA ARG A 66 -1.17 17.32 21.29
C ARG A 66 -0.96 17.79 19.85
N TRP A 67 -2.04 17.81 19.07
CA TRP A 67 -2.03 18.26 17.68
C TRP A 67 -1.70 19.75 17.59
N ILE A 68 -2.32 20.56 18.44
CA ILE A 68 -2.05 21.99 18.48
C ILE A 68 -0.61 22.28 18.96
N ARG A 69 -0.16 21.58 19.99
CA ARG A 69 1.19 21.85 20.50
C ARG A 69 2.33 21.30 19.62
N THR A 70 2.06 20.25 18.86
CA THR A 70 3.04 19.76 17.88
C THR A 70 3.24 20.80 16.78
N GLN A 71 2.16 21.31 16.21
CA GLN A 71 2.26 22.31 15.15
C GLN A 71 2.80 23.66 15.64
N GLN A 72 2.53 23.98 16.90
CA GLN A 72 3.14 25.16 17.56
C GLN A 72 4.66 24.94 17.73
N HIS A 73 5.05 23.73 18.12
CA HIS A 73 6.45 23.35 18.24
C HIS A 73 7.22 23.54 16.93
N TYR A 74 6.64 23.06 15.82
CA TYR A 74 7.27 23.20 14.49
C TYR A 74 7.40 24.64 14.04
N TYR A 75 6.42 25.48 14.41
CA TYR A 75 6.47 26.89 14.07
C TYR A 75 7.63 27.59 14.79
N GLU A 76 7.81 27.27 16.06
CA GLU A 76 8.82 27.91 16.91
C GLU A 76 10.23 27.41 16.63
N LYS A 77 10.38 26.09 16.47
CA LYS A 77 11.69 25.49 16.19
C LYS A 77 12.11 25.56 14.71
N ASP A 78 11.14 25.69 13.81
CA ASP A 78 11.37 25.79 12.37
C ASP A 78 12.32 24.71 11.80
N PRO A 79 11.98 23.42 12.00
CA PRO A 79 12.86 22.37 11.46
C PRO A 79 12.64 22.22 9.96
N LYS A 80 13.52 21.48 9.29
CA LYS A 80 13.30 21.11 7.90
C LYS A 80 12.03 20.26 7.80
N ARG A 81 11.15 20.61 6.86
CA ARG A 81 9.87 19.94 6.72
C ARG A 81 9.92 18.88 5.62
N ILE A 82 9.34 17.72 5.89
CA ILE A 82 9.27 16.64 4.91
C ILE A 82 7.86 16.60 4.31
N TYR A 83 7.78 16.70 2.99
CA TYR A 83 6.49 16.60 2.32
C TYR A 83 6.41 15.32 1.50
N TYR A 84 5.53 14.41 1.93
CA TYR A 84 5.37 13.13 1.27
C TYR A 84 4.17 13.16 0.33
N LEU A 85 4.43 13.26 -0.97
CA LEU A 85 3.37 13.42 -1.97
C LEU A 85 2.94 12.08 -2.55
N SER A 86 1.65 11.77 -2.42
CA SER A 86 1.13 10.49 -2.88
C SER A 86 -0.31 10.63 -3.34
N LEU A 87 -0.68 9.86 -4.36
CA LEU A 87 -2.08 9.80 -4.83
C LEU A 87 -2.88 8.79 -4.02
N GLU A 88 -2.18 8.05 -3.16
CA GLU A 88 -2.79 7.00 -2.36
C GLU A 88 -2.30 7.01 -0.91
N PHE A 89 -3.26 6.96 0.01
CA PHE A 89 -3.00 6.69 1.43
C PHE A 89 -4.02 5.67 1.91
N TYR A 90 -3.60 4.40 1.98
CA TYR A 90 -4.50 3.33 2.38
C TYR A 90 -4.49 3.22 3.91
N MET A 91 -5.33 4.02 4.56
CA MET A 91 -5.25 4.23 6.01
C MET A 91 -5.95 3.15 6.84
N GLY A 92 -6.99 2.54 6.30
CA GLY A 92 -7.85 1.62 7.06
C GLY A 92 -8.58 2.36 8.17
N ARG A 93 -8.92 1.64 9.24
CA ARG A 93 -9.58 2.23 10.40
C ARG A 93 -8.62 3.02 11.29
N THR A 94 -9.16 4.03 11.98
CA THR A 94 -8.38 4.98 12.76
C THR A 94 -8.56 4.86 14.28
N LEU A 95 -9.69 4.33 14.73
CA LEU A 95 -10.03 4.34 16.17
C LEU A 95 -9.04 3.57 17.04
N GLN A 96 -8.89 2.28 16.74
CA GLN A 96 -7.99 1.42 17.49
C GLN A 96 -6.54 1.91 17.39
N ASN A 97 -6.12 2.29 16.18
CA ASN A 97 -4.77 2.83 16.00
C ASN A 97 -4.50 4.03 16.90
N THR A 98 -5.48 4.91 17.03
CA THR A 98 -5.33 6.10 17.86
C THR A 98 -5.21 5.73 19.35
N MET A 99 -6.02 4.78 19.79
CA MET A 99 -5.97 4.31 21.18
C MET A 99 -4.61 3.70 21.50
N VAL A 100 -4.12 2.87 20.58
CA VAL A 100 -2.80 2.23 20.72
C VAL A 100 -1.68 3.25 20.90
N ASN A 101 -1.63 4.27 20.04
CA ASN A 101 -0.55 5.26 20.05
C ASN A 101 -0.62 6.23 21.24
N LEU A 102 -1.81 6.33 21.83
CA LEU A 102 -2.04 7.24 22.97
C LEU A 102 -2.11 6.51 24.32
N ALA A 103 -1.99 5.17 24.29
CA ALA A 103 -2.03 4.32 25.48
C ALA A 103 -3.38 4.33 26.19
N LEU A 104 -4.45 4.34 25.39
CA LEU A 104 -5.81 4.50 25.89
C LEU A 104 -6.65 3.23 25.78
N GLU A 105 -6.08 2.19 25.16
CA GLU A 105 -6.87 1.01 24.81
C GLU A 105 -7.57 0.30 25.98
N ASN A 106 -6.82 0.00 27.04
CA ASN A 106 -7.40 -0.65 28.23
C ASN A 106 -8.39 0.24 28.99
N ALA A 107 -8.07 1.53 29.09
CA ALA A 107 -8.95 2.52 29.70
C ALA A 107 -10.30 2.62 28.98
N CYS A 108 -10.28 2.78 27.66
CA CYS A 108 -11.52 2.82 26.86
C CYS A 108 -12.26 1.49 26.91
N ASP A 109 -11.52 0.39 26.96
CA ASP A 109 -12.09 -0.95 27.08
C ASP A 109 -12.85 -1.10 28.40
N GLU A 110 -12.23 -0.64 29.49
CA GLU A 110 -12.87 -0.64 30.81
C GLU A 110 -14.07 0.30 30.84
N ALA A 111 -13.86 1.55 30.40
CA ALA A 111 -14.91 2.57 30.40
C ALA A 111 -16.18 2.13 29.67
N THR A 112 -16.00 1.54 28.48
CA THR A 112 -17.12 1.06 27.68
C THR A 112 -17.79 -0.18 28.28
N TYR A 113 -16.97 -1.05 28.90
CA TYR A 113 -17.48 -2.23 29.60
C TYR A 113 -18.44 -1.84 30.72
N GLN A 114 -18.04 -0.84 31.50
CA GLN A 114 -18.86 -0.31 32.61
C GLN A 114 -20.13 0.39 32.11
N LEU A 115 -20.10 0.87 30.88
CA LEU A 115 -21.26 1.47 30.23
C LEU A 115 -22.16 0.40 29.59
N GLY A 116 -21.73 -0.85 29.70
CA GLY A 116 -22.49 -1.98 29.16
C GLY A 116 -22.24 -2.23 27.68
N LEU A 117 -21.10 -1.77 27.18
CA LEU A 117 -20.78 -1.91 25.75
C LEU A 117 -19.52 -2.71 25.49
N ASP A 118 -19.53 -3.45 24.38
CA ASP A 118 -18.37 -4.20 23.90
C ASP A 118 -17.61 -3.36 22.86
N MET A 119 -16.40 -2.96 23.22
CA MET A 119 -15.60 -2.05 22.39
C MET A 119 -15.23 -2.63 21.02
N GLU A 120 -14.96 -3.93 20.96
CA GLU A 120 -14.60 -4.61 19.69
C GLU A 120 -15.72 -4.52 18.68
N GLU A 121 -16.95 -4.69 19.16
CA GLU A 121 -18.16 -4.59 18.36
C GLU A 121 -18.29 -3.18 17.76
N LEU A 122 -17.99 -2.17 18.59
CA LEU A 122 -18.00 -0.77 18.16
C LEU A 122 -16.90 -0.49 17.13
N GLU A 123 -15.73 -1.09 17.32
CA GLU A 123 -14.61 -0.93 16.39
C GLU A 123 -14.94 -1.43 14.98
N GLU A 124 -15.75 -2.48 14.90
CA GLU A 124 -16.15 -3.08 13.61
C GLU A 124 -17.11 -2.22 12.80
N ILE A 125 -17.66 -1.17 13.42
CA ILE A 125 -18.57 -0.25 12.75
C ILE A 125 -17.85 0.78 11.87
N GLU A 126 -16.62 1.14 12.24
CA GLU A 126 -15.83 2.10 11.47
C GLU A 126 -15.54 1.60 10.05
N GLU A 127 -15.79 2.45 9.05
CA GLU A 127 -15.42 2.17 7.67
C GLU A 127 -13.90 2.29 7.53
N ASP A 128 -13.29 1.42 6.72
CA ASP A 128 -11.93 1.67 6.28
C ASP A 128 -11.85 2.96 5.48
N ALA A 129 -10.83 3.76 5.74
CA ALA A 129 -10.46 4.80 4.81
C ALA A 129 -9.67 4.09 3.71
N GLY A 130 -10.34 3.80 2.60
CA GLY A 130 -9.76 2.99 1.53
C GLY A 130 -9.25 3.82 0.37
N LEU A 131 -8.38 4.77 0.68
CA LEU A 131 -7.89 5.72 -0.31
C LEU A 131 -6.60 5.25 -1.01
N GLY A 132 -6.56 3.95 -1.32
CA GLY A 132 -5.40 3.34 -1.99
C GLY A 132 -5.78 1.98 -2.55
N ASN A 133 -4.91 1.43 -3.39
CA ASN A 133 -5.19 0.17 -4.07
C ASN A 133 -4.62 -1.06 -3.37
N GLY A 134 -3.43 -0.89 -2.80
CA GLY A 134 -2.73 -2.00 -2.19
C GLY A 134 -1.41 -1.54 -1.62
N GLY A 135 -0.33 -2.15 -2.11
CA GLY A 135 1.00 -2.00 -1.52
C GLY A 135 1.54 -0.59 -1.43
N LEU A 136 1.44 0.16 -2.53
CA LEU A 136 1.96 1.53 -2.56
C LEU A 136 1.18 2.45 -1.63
N GLY A 137 -0.15 2.31 -1.62
CA GLY A 137 -1.01 3.11 -0.74
C GLY A 137 -0.80 2.77 0.73
N ARG A 138 -0.66 1.48 1.03
CA ARG A 138 -0.46 1.06 2.42
C ARG A 138 0.93 1.47 2.92
N LEU A 139 1.91 1.50 2.02
CA LEU A 139 3.27 1.94 2.36
C LEU A 139 3.28 3.37 2.84
N ALA A 140 2.51 4.23 2.15
CA ALA A 140 2.38 5.62 2.51
C ALA A 140 1.78 5.75 3.92
N ALA A 141 0.81 4.90 4.24
CA ALA A 141 0.17 4.91 5.56
C ALA A 141 1.12 4.48 6.68
N CYS A 142 1.85 3.38 6.44
CA CYS A 142 2.89 2.93 7.37
C CYS A 142 3.95 3.99 7.58
N PHE A 143 4.36 4.64 6.49
CA PHE A 143 5.36 5.70 6.54
C PHE A 143 4.92 6.89 7.41
N LEU A 144 3.66 7.31 7.29
CA LEU A 144 3.15 8.41 8.11
C LEU A 144 3.27 8.11 9.61
N ASP A 145 2.89 6.89 9.98
CA ASP A 145 2.98 6.40 11.34
C ASP A 145 4.43 6.45 11.86
N SER A 146 5.36 5.94 11.05
CA SER A 146 6.78 5.92 11.43
C SER A 146 7.38 7.33 11.53
N MET A 147 6.99 8.21 10.60
CA MET A 147 7.49 9.59 10.62
C MET A 147 7.07 10.34 11.90
N ALA A 148 5.84 10.10 12.35
CA ALA A 148 5.32 10.67 13.60
C ALA A 148 6.01 10.05 14.82
N THR A 149 6.17 8.73 14.81
CA THR A 149 6.87 7.99 15.87
C THR A 149 8.35 8.42 15.98
N LEU A 150 8.94 8.83 14.86
CA LEU A 150 10.33 9.27 14.87
C LEU A 150 10.50 10.79 14.96
N GLY A 151 9.41 11.48 15.30
CA GLY A 151 9.43 12.92 15.56
C GLY A 151 9.88 13.79 14.42
N LEU A 152 9.55 13.38 13.19
CA LEU A 152 9.90 14.16 12.01
C LEU A 152 8.79 15.16 11.71
N ALA A 153 9.17 16.36 11.30
CA ALA A 153 8.19 17.38 10.90
C ALA A 153 7.65 17.05 9.50
N ALA A 154 6.76 16.06 9.44
CA ALA A 154 6.35 15.47 8.17
C ALA A 154 4.86 15.67 7.88
N TYR A 155 4.55 15.88 6.60
CA TYR A 155 3.18 16.08 6.15
C TYR A 155 2.89 15.15 4.97
N GLY A 156 1.79 14.40 5.07
CA GLY A 156 1.33 13.58 3.95
C GLY A 156 0.36 14.44 3.15
N TYR A 157 0.60 14.55 1.84
CA TYR A 157 -0.29 15.31 0.96
C TYR A 157 -0.90 14.42 -0.12
N GLY A 158 -2.23 14.47 -0.23
CA GLY A 158 -2.94 13.64 -1.20
C GLY A 158 -4.29 14.22 -1.60
N ILE A 159 -5.14 13.36 -2.13
CA ILE A 159 -6.49 13.74 -2.55
C ILE A 159 -7.50 13.06 -1.65
N ARG A 160 -8.50 13.83 -1.22
CA ARG A 160 -9.63 13.29 -0.48
C ARG A 160 -10.66 12.75 -1.48
N TYR A 161 -10.52 11.49 -1.84
CA TYR A 161 -11.48 10.89 -2.77
C TYR A 161 -12.78 10.69 -2.04
N GLU A 162 -13.86 11.05 -2.71
CA GLU A 162 -15.20 10.82 -2.21
C GLU A 162 -15.51 9.31 -2.19
N PHE A 163 -14.99 8.60 -3.20
CA PHE A 163 -15.10 7.16 -3.29
C PHE A 163 -13.72 6.52 -3.40
N GLY A 164 -13.40 5.66 -2.43
CA GLY A 164 -12.12 4.96 -2.41
C GLY A 164 -12.19 3.71 -3.25
N ILE A 165 -11.30 2.76 -2.94
CA ILE A 165 -11.32 1.47 -3.63
C ILE A 165 -12.71 0.83 -3.48
N PHE A 166 -13.26 0.33 -4.58
CA PHE A 166 -14.60 -0.29 -4.57
C PHE A 166 -14.71 -1.46 -3.58
N ASN A 167 -15.90 -1.63 -3.00
CA ASN A 167 -16.22 -2.84 -2.26
C ASN A 167 -16.48 -3.98 -3.25
N GLN A 168 -15.87 -5.13 -2.98
CA GLN A 168 -15.99 -6.29 -3.84
C GLN A 168 -17.06 -7.28 -3.33
N LYS A 169 -18.02 -7.58 -4.19
CA LYS A 169 -19.02 -8.60 -3.92
C LYS A 169 -18.78 -9.75 -4.91
N ILE A 170 -18.94 -10.97 -4.44
CA ILE A 170 -18.81 -12.14 -5.29
C ILE A 170 -20.21 -12.70 -5.58
N CYS A 171 -20.60 -12.65 -6.85
CA CYS A 171 -21.90 -13.12 -7.29
C CYS A 171 -21.74 -14.17 -8.37
N GLY A 172 -22.17 -15.39 -8.07
CA GLY A 172 -22.03 -16.53 -8.98
C GLY A 172 -20.58 -16.86 -9.27
N GLY A 173 -19.71 -16.55 -8.32
CA GLY A 173 -18.28 -16.75 -8.48
C GLY A 173 -17.54 -15.60 -9.17
N TRP A 174 -18.28 -14.57 -9.58
CA TRP A 174 -17.73 -13.42 -10.30
C TRP A 174 -17.61 -12.18 -9.41
N GLN A 175 -16.55 -11.40 -9.60
CA GLN A 175 -16.42 -10.12 -8.92
C GLN A 175 -17.44 -9.10 -9.43
N MET A 176 -18.15 -8.48 -8.49
CA MET A 176 -18.98 -7.32 -8.77
C MET A 176 -18.44 -6.17 -7.95
N GLU A 177 -18.43 -4.98 -8.54
CA GLU A 177 -17.94 -3.78 -7.87
C GLU A 177 -19.11 -2.94 -7.37
N GLU A 178 -18.97 -2.38 -6.17
CA GLU A 178 -19.89 -1.34 -5.73
C GLU A 178 -19.14 -0.19 -5.09
N ALA A 179 -19.71 1.01 -5.25
CA ALA A 179 -19.12 2.24 -4.77
C ALA A 179 -18.82 2.19 -3.28
N ASP A 180 -17.60 2.56 -2.92
CA ASP A 180 -17.19 2.70 -1.52
C ASP A 180 -17.55 4.10 -1.01
N ASP A 181 -18.81 4.26 -0.61
CA ASP A 181 -19.33 5.52 -0.12
C ASP A 181 -18.94 5.72 1.36
N TRP A 182 -17.63 5.88 1.60
CA TRP A 182 -17.07 5.83 2.95
C TRP A 182 -17.39 7.04 3.82
N LEU A 183 -17.80 8.15 3.21
CA LEU A 183 -18.13 9.37 3.94
C LEU A 183 -19.62 9.48 4.29
N ARG A 184 -20.40 8.49 3.88
CA ARG A 184 -21.86 8.46 4.07
C ARG A 184 -22.30 8.95 5.46
N TYR A 185 -21.70 8.37 6.50
CA TYR A 185 -22.08 8.68 7.89
C TYR A 185 -21.23 9.78 8.51
N GLY A 186 -20.29 10.32 7.73
CA GLY A 186 -19.39 11.35 8.21
C GLY A 186 -18.08 10.76 8.69
N ASN A 187 -17.04 11.60 8.71
CA ASN A 187 -15.73 11.18 9.13
C ASN A 187 -15.29 12.04 10.31
N PRO A 188 -15.29 11.46 11.53
CA PRO A 188 -14.97 12.24 12.72
C PRO A 188 -13.50 12.64 12.83
N TRP A 189 -12.64 11.99 12.05
CA TRP A 189 -11.20 12.21 12.16
C TRP A 189 -10.70 13.44 11.40
N GLU A 190 -11.39 13.81 10.33
CA GLU A 190 -10.95 14.93 9.49
C GLU A 190 -11.42 16.30 10.01
N LYS A 191 -10.64 17.33 9.74
CA LYS A 191 -11.05 18.71 9.97
C LYS A 191 -10.90 19.52 8.70
N ALA A 192 -12.03 19.97 8.15
CA ALA A 192 -12.04 20.85 6.99
C ALA A 192 -11.38 22.17 7.32
N ARG A 193 -10.53 22.64 6.41
CA ARG A 193 -9.85 23.93 6.57
C ARG A 193 -10.10 24.86 5.37
N PRO A 194 -11.38 25.27 5.14
CA PRO A 194 -11.73 26.09 3.98
C PRO A 194 -10.96 27.41 3.89
N GLU A 195 -10.43 27.88 5.03
CA GLU A 195 -9.63 29.09 5.08
C GLU A 195 -8.31 28.96 4.33
N PHE A 196 -7.87 27.73 4.12
CA PHE A 196 -6.64 27.48 3.37
C PHE A 196 -6.90 27.02 1.94
N THR A 197 -8.10 27.32 1.43
CA THR A 197 -8.48 26.98 0.06
C THR A 197 -7.61 27.73 -0.96
N LEU A 198 -7.16 27.00 -1.98
CA LEU A 198 -6.21 27.47 -2.98
C LEU A 198 -6.73 27.22 -4.39
N PRO A 199 -6.43 28.14 -5.33
CA PRO A 199 -6.84 27.91 -6.72
C PRO A 199 -5.84 27.07 -7.53
N VAL A 200 -6.39 26.21 -8.38
CA VAL A 200 -5.61 25.37 -9.29
C VAL A 200 -6.06 25.65 -10.72
N HIS A 201 -5.09 25.82 -11.63
CA HIS A 201 -5.36 26.20 -13.02
C HIS A 201 -5.25 25.05 -14.01
N PHE A 202 -6.15 25.04 -14.99
CA PHE A 202 -6.15 24.06 -16.07
C PHE A 202 -6.37 24.73 -17.45
N TYR A 203 -5.89 24.07 -18.50
CA TYR A 203 -6.07 24.53 -19.89
C TYR A 203 -5.35 25.87 -20.15
N GLY A 204 -6.02 26.79 -20.84
CA GLY A 204 -5.46 28.11 -21.14
C GLY A 204 -4.41 28.09 -22.24
N ARG A 205 -3.55 29.10 -22.24
CA ARG A 205 -2.49 29.22 -23.25
C ARG A 205 -1.33 30.02 -22.69
N VAL A 206 -0.20 30.01 -23.39
CA VAL A 206 0.99 30.72 -22.94
C VAL A 206 1.23 31.99 -23.76
N GLU A 207 1.38 33.11 -23.07
CA GLU A 207 1.76 34.39 -23.67
C GLU A 207 3.17 34.77 -23.25
N HIS A 208 3.99 35.20 -24.21
CA HIS A 208 5.33 35.69 -23.91
C HIS A 208 5.38 37.21 -23.94
N THR A 209 6.03 37.78 -22.93
CA THR A 209 6.18 39.23 -22.82
C THR A 209 7.65 39.61 -22.67
N SER A 210 7.88 40.88 -22.30
CA SER A 210 9.21 41.37 -21.94
C SER A 210 9.66 40.75 -20.61
N GLN A 211 8.69 40.52 -19.71
CA GLN A 211 8.96 39.93 -18.41
C GLN A 211 8.58 38.44 -18.36
N GLY A 212 9.08 37.69 -19.34
CA GLY A 212 8.88 36.22 -19.38
C GLY A 212 7.49 35.76 -19.76
N ALA A 213 7.26 34.45 -19.61
CA ALA A 213 6.01 33.82 -20.01
C ALA A 213 4.89 34.01 -18.98
N LYS A 214 3.66 33.98 -19.48
CA LYS A 214 2.45 34.07 -18.67
C LYS A 214 1.44 33.03 -19.12
N TRP A 215 0.82 32.37 -18.14
CA TRP A 215 -0.19 31.35 -18.41
C TRP A 215 -1.58 31.96 -18.18
N VAL A 216 -2.34 32.12 -19.26
CA VAL A 216 -3.58 32.90 -19.24
C VAL A 216 -4.78 32.14 -19.78
N ASP A 217 -5.98 32.71 -19.59
CA ASP A 217 -7.25 32.15 -20.06
C ASP A 217 -7.53 30.76 -19.49
N THR A 218 -7.11 30.54 -18.26
CA THR A 218 -7.24 29.22 -17.63
C THR A 218 -8.60 29.03 -16.98
N GLN A 219 -8.98 27.77 -16.83
CA GLN A 219 -10.10 27.40 -15.99
C GLN A 219 -9.57 27.14 -14.58
N VAL A 220 -10.34 27.58 -13.59
CA VAL A 220 -9.92 27.51 -12.19
C VAL A 220 -10.76 26.47 -11.45
N VAL A 221 -10.08 25.61 -10.70
CA VAL A 221 -10.72 24.71 -9.75
C VAL A 221 -10.13 25.01 -8.37
N LEU A 222 -10.98 25.09 -7.36
CA LEU A 222 -10.51 25.32 -6.01
C LEU A 222 -10.10 24.02 -5.31
N ALA A 223 -9.04 24.09 -4.53
CA ALA A 223 -8.58 22.98 -3.72
C ALA A 223 -8.80 23.30 -2.25
N MET A 224 -9.73 22.59 -1.63
CA MET A 224 -10.03 22.75 -0.20
C MET A 224 -9.38 21.63 0.62
N PRO A 225 -8.55 21.99 1.62
CA PRO A 225 -7.86 20.97 2.41
C PRO A 225 -8.69 20.42 3.57
N TYR A 226 -8.53 19.13 3.83
CA TYR A 226 -9.06 18.45 5.01
C TYR A 226 -7.89 17.82 5.76
N ASP A 227 -7.74 18.19 7.03
CA ASP A 227 -6.62 17.69 7.85
C ASP A 227 -7.02 16.53 8.76
N THR A 228 -6.20 15.49 8.75
CA THR A 228 -6.38 14.32 9.60
C THR A 228 -5.13 14.18 10.49
N PRO A 229 -5.33 14.00 11.82
CA PRO A 229 -4.19 13.83 12.73
C PRO A 229 -3.50 12.46 12.57
N VAL A 230 -2.17 12.48 12.63
CA VAL A 230 -1.36 11.27 12.60
C VAL A 230 -0.54 11.17 13.89
N PRO A 231 -1.02 10.39 14.87
CA PRO A 231 -0.32 10.33 16.16
C PRO A 231 0.93 9.43 16.12
N GLY A 232 2.02 9.90 16.73
CA GLY A 232 3.19 9.04 16.93
C GLY A 232 2.97 8.08 18.08
N TYR A 233 3.82 7.07 18.19
CA TYR A 233 3.66 6.07 19.25
C TYR A 233 4.15 6.60 20.60
N ARG A 234 3.19 6.96 21.46
CA ARG A 234 3.44 7.39 22.84
C ARG A 234 4.54 8.42 23.03
N ASN A 235 4.68 9.30 22.04
CA ASN A 235 5.66 10.39 22.12
C ASN A 235 4.99 11.78 22.11
N ASN A 236 3.65 11.79 22.13
CA ASN A 236 2.82 13.00 22.10
C ASN A 236 2.95 13.85 20.83
N VAL A 237 3.60 13.29 19.81
CA VAL A 237 3.68 13.94 18.50
C VAL A 237 2.42 13.61 17.71
N VAL A 238 1.83 14.63 17.09
CA VAL A 238 0.70 14.45 16.18
C VAL A 238 0.97 15.25 14.92
N ASN A 239 1.25 14.54 13.83
CA ASN A 239 1.51 15.16 12.53
C ASN A 239 0.21 15.28 11.73
N THR A 240 0.31 15.85 10.54
CA THR A 240 -0.87 16.13 9.72
C THR A 240 -0.81 15.41 8.38
N MET A 241 -1.90 14.76 8.02
CA MET A 241 -2.14 14.35 6.65
C MET A 241 -3.17 15.33 6.04
N ARG A 242 -2.75 16.06 5.01
CA ARG A 242 -3.62 17.05 4.37
C ARG A 242 -4.09 16.55 3.02
N LEU A 243 -5.41 16.36 2.89
CA LEU A 243 -6.00 15.85 1.65
C LEU A 243 -6.88 16.93 1.01
N TRP A 244 -6.68 17.12 -0.30
CA TRP A 244 -7.39 18.16 -1.05
C TRP A 244 -8.68 17.65 -1.69
N SER A 245 -9.72 18.47 -1.60
CA SER A 245 -11.01 18.23 -2.21
C SER A 245 -11.25 19.32 -3.26
N ALA A 246 -11.80 18.92 -4.41
CA ALA A 246 -12.04 19.83 -5.52
C ALA A 246 -13.37 20.57 -5.36
N LYS A 247 -13.33 21.88 -5.54
CA LYS A 247 -14.52 22.74 -5.44
C LYS A 247 -14.58 23.72 -6.60
N ALA A 248 -15.78 23.91 -7.15
CA ALA A 248 -15.96 24.89 -8.22
C ALA A 248 -16.00 26.30 -7.64
N PRO A 249 -15.43 27.29 -8.35
CA PRO A 249 -15.61 28.69 -7.93
C PRO A 249 -17.07 29.12 -8.10
N ASN A 250 -17.49 30.16 -7.37
CA ASN A 250 -18.91 30.52 -7.34
C ASN A 250 -19.46 31.22 -8.59
N ASP A 251 -18.57 31.72 -9.43
CA ASP A 251 -18.94 32.27 -10.73
C ASP A 251 -18.80 31.21 -11.85
N PHE A 252 -18.61 29.95 -11.47
CA PHE A 252 -18.42 28.84 -12.41
C PHE A 252 -19.56 28.75 -13.42
N ASN A 253 -19.21 28.85 -14.70
CA ASN A 253 -20.18 28.93 -15.81
C ASN A 253 -21.13 30.14 -15.72
N LEU A 254 -21.00 30.90 -14.62
CA LEU A 254 -21.83 32.09 -14.38
C LEU A 254 -21.03 33.38 -14.56
N ASN A 258 -31.40 33.36 -18.79
CA ASN A 258 -32.26 32.19 -18.92
C ASN A 258 -32.22 31.28 -17.69
N VAL A 259 -33.34 30.60 -17.42
CA VAL A 259 -33.43 29.66 -16.30
C VAL A 259 -32.79 28.32 -16.65
N GLY A 260 -33.06 27.84 -17.86
CA GLY A 260 -32.41 26.64 -18.40
C GLY A 260 -30.91 26.81 -18.26
N GLY A 261 -30.41 27.94 -18.75
CA GLY A 261 -29.04 28.39 -18.53
C GLY A 261 -28.63 28.42 -17.07
N TYR A 262 -29.36 29.17 -16.23
CA TYR A 262 -29.00 29.27 -14.81
C TYR A 262 -28.92 27.90 -14.12
N ILE A 263 -29.99 27.11 -14.21
CA ILE A 263 -30.05 25.81 -13.54
C ILE A 263 -28.89 24.91 -14.00
N GLN A 264 -28.71 24.82 -15.32
CA GLN A 264 -27.64 24.00 -15.89
C GLN A 264 -26.24 24.44 -15.46
N ALA A 265 -26.02 25.76 -15.36
CA ALA A 265 -24.73 26.29 -14.92
C ALA A 265 -24.35 25.82 -13.50
N VAL A 266 -25.35 25.84 -12.61
CA VAL A 266 -25.16 25.33 -11.24
C VAL A 266 -24.88 23.83 -11.25
N LEU A 267 -25.65 23.10 -12.06
CA LEU A 267 -25.49 21.63 -12.15
C LEU A 267 -24.15 21.24 -12.77
N ASP A 268 -23.60 22.11 -13.61
CA ASP A 268 -22.32 21.85 -14.26
C ASP A 268 -21.12 22.01 -13.34
N ARG A 269 -21.35 22.49 -12.12
CA ARG A 269 -20.30 22.58 -11.11
C ARG A 269 -19.70 21.20 -10.83
N ASN A 270 -20.52 20.16 -10.98
CA ASN A 270 -20.09 18.77 -10.85
C ASN A 270 -18.86 18.42 -11.68
N LEU A 271 -18.78 19.00 -12.88
CA LEU A 271 -17.66 18.78 -13.79
C LEU A 271 -16.31 19.07 -13.12
N ALA A 272 -16.18 20.25 -12.53
CA ALA A 272 -14.97 20.64 -11.83
C ALA A 272 -14.70 19.75 -10.62
N GLU A 273 -15.76 19.37 -9.91
CA GLU A 273 -15.63 18.67 -8.63
C GLU A 273 -15.39 17.17 -8.80
N ASN A 274 -15.61 16.66 -10.02
CA ASN A 274 -15.32 15.27 -10.36
C ASN A 274 -13.84 14.91 -10.19
N ILE A 275 -12.98 15.91 -10.16
CA ILE A 275 -11.53 15.69 -9.99
C ILE A 275 -11.21 14.84 -8.75
N SER A 276 -11.87 15.14 -7.62
CA SER A 276 -11.64 14.38 -6.39
C SER A 276 -12.72 13.32 -6.10
N ARG A 277 -13.48 12.92 -7.11
CA ARG A 277 -14.62 12.03 -6.87
C ARG A 277 -14.22 10.59 -6.59
N VAL A 278 -13.28 10.06 -7.37
CA VAL A 278 -13.03 8.62 -7.33
C VAL A 278 -11.56 8.23 -7.53
N LEU A 279 -11.11 7.28 -6.72
CA LEU A 279 -9.81 6.65 -6.86
C LEU A 279 -9.79 5.72 -8.06
N TYR A 280 -8.82 5.90 -8.95
CA TYR A 280 -8.57 4.93 -10.01
C TYR A 280 -8.15 3.61 -9.38
N PRO A 281 -8.89 2.52 -9.66
CA PRO A 281 -8.77 1.25 -8.98
C PRO A 281 -7.77 0.29 -9.64
N ASN A 282 -6.77 0.85 -10.31
CA ASN A 282 -5.72 0.04 -10.91
C ASN A 282 -4.49 -0.04 -10.01
N ASP A 283 -3.99 -1.24 -9.81
CA ASP A 283 -2.77 -1.38 -9.04
C ASP A 283 -1.69 -1.86 -9.99
N ASN A 284 -0.55 -1.15 -10.04
CA ASN A 284 0.55 -1.56 -10.91
C ASN A 284 0.18 -1.51 -12.39
N PHE A 285 -0.64 -0.53 -12.79
CA PHE A 285 -1.10 -0.44 -14.18
C PHE A 285 -1.41 1.01 -14.56
N PHE A 286 -0.88 1.43 -15.71
CA PHE A 286 -1.06 2.79 -16.19
C PHE A 286 -2.23 2.88 -17.16
N GLU A 287 -3.20 3.72 -16.81
CA GLU A 287 -4.32 4.05 -17.67
C GLU A 287 -4.22 5.55 -17.99
N GLY A 288 -3.93 5.86 -19.24
CA GLY A 288 -3.69 7.24 -19.66
C GLY A 288 -4.95 8.05 -19.88
N LYS A 289 -5.74 8.22 -18.81
CA LYS A 289 -7.00 8.97 -18.90
C LYS A 289 -6.85 10.41 -18.41
N GLU A 290 -7.54 11.34 -19.08
CA GLU A 290 -7.43 12.76 -18.76
C GLU A 290 -7.80 13.08 -17.30
N LEU A 291 -8.85 12.46 -16.79
CA LEU A 291 -9.27 12.67 -15.41
C LEU A 291 -8.15 12.32 -14.41
N ARG A 292 -7.41 11.25 -14.69
CA ARG A 292 -6.27 10.87 -13.87
C ARG A 292 -5.17 11.92 -13.93
N LEU A 293 -4.91 12.47 -15.11
CA LEU A 293 -3.91 13.51 -15.25
C LEU A 293 -4.30 14.76 -14.46
N LYS A 294 -5.59 15.11 -14.50
CA LYS A 294 -6.09 16.24 -13.74
C LYS A 294 -5.88 16.05 -12.24
N GLN A 295 -6.11 14.82 -11.76
CA GLN A 295 -5.92 14.48 -10.35
C GLN A 295 -4.46 14.67 -9.95
N GLU A 296 -3.55 14.22 -10.82
CA GLU A 296 -2.12 14.32 -10.56
C GLU A 296 -1.64 15.78 -10.49
N TYR A 297 -2.15 16.63 -11.38
CA TYR A 297 -1.78 18.04 -11.32
C TYR A 297 -2.44 18.75 -10.14
N PHE A 298 -3.70 18.44 -9.89
CA PHE A 298 -4.48 19.01 -8.80
C PHE A 298 -3.76 18.86 -7.45
N VAL A 299 -3.29 17.64 -7.15
CA VAL A 299 -2.59 17.42 -5.88
C VAL A 299 -1.27 18.18 -5.82
N VAL A 300 -0.54 18.18 -6.93
CA VAL A 300 0.75 18.82 -7.06
C VAL A 300 0.68 20.33 -6.95
N ALA A 301 -0.27 20.93 -7.67
CA ALA A 301 -0.41 22.39 -7.73
C ALA A 301 -0.81 22.97 -6.38
N ALA A 302 -1.80 22.36 -5.72
CA ALA A 302 -2.27 22.83 -4.42
C ALA A 302 -1.21 22.63 -3.32
N THR A 303 -0.58 21.47 -3.31
CA THR A 303 0.46 21.14 -2.33
C THR A 303 1.64 22.11 -2.41
N LEU A 304 2.15 22.35 -3.61
CA LEU A 304 3.31 23.24 -3.78
C LEU A 304 3.04 24.69 -3.34
N GLN A 305 1.83 25.20 -3.61
CA GLN A 305 1.44 26.53 -3.11
C GLN A 305 1.43 26.58 -1.59
N ASP A 306 0.93 25.51 -0.98
CA ASP A 306 0.85 25.37 0.48
C ASP A 306 2.25 25.29 1.08
N ILE A 307 3.14 24.54 0.43
CA ILE A 307 4.55 24.43 0.83
C ILE A 307 5.27 25.78 0.82
N ILE A 308 5.12 26.51 -0.29
CA ILE A 308 5.80 27.79 -0.49
C ILE A 308 5.24 28.84 0.49
N ARG A 309 3.92 28.85 0.67
CA ARG A 309 3.26 29.71 1.66
C ARG A 309 3.85 29.49 3.06
N ARG A 310 3.96 28.22 3.48
CA ARG A 310 4.51 27.87 4.78
C ARG A 310 5.99 28.26 4.90
N PHE A 311 6.74 28.13 3.79
CA PHE A 311 8.16 28.50 3.74
C PHE A 311 8.38 30.01 3.90
N LYS A 312 7.54 30.80 3.24
CA LYS A 312 7.63 32.26 3.33
C LYS A 312 7.23 32.77 4.72
N SER A 313 6.31 32.05 5.36
CA SER A 313 5.84 32.42 6.70
C SER A 313 6.76 31.84 7.80
N SER A 314 8.06 31.88 7.55
CA SER A 314 9.05 31.38 8.49
C SER A 314 9.19 32.28 9.71
N THR A 324 11.35 34.96 -0.11
CA THR A 324 12.27 35.95 -0.66
C THR A 324 13.57 35.29 -1.14
N ASN A 325 14.27 34.63 -0.21
CA ASN A 325 15.53 33.96 -0.53
C ASN A 325 15.35 32.45 -0.68
N PHE A 326 15.25 32.02 -1.94
CA PHE A 326 14.98 30.61 -2.24
C PHE A 326 16.23 29.73 -2.21
N ASP A 327 17.38 30.31 -1.88
CA ASP A 327 18.61 29.54 -1.71
C ASP A 327 18.53 28.57 -0.53
N ALA A 328 17.75 28.95 0.48
CA ALA A 328 17.57 28.15 1.69
C ALA A 328 16.39 27.19 1.59
N PHE A 329 15.64 27.27 0.48
CA PHE A 329 14.49 26.40 0.24
C PHE A 329 14.81 24.90 0.45
N PRO A 330 15.88 24.38 -0.22
CA PRO A 330 16.20 22.96 -0.01
C PRO A 330 16.70 22.62 1.41
N ASP A 331 17.09 23.61 2.20
CA ASP A 331 17.48 23.39 3.58
C ASP A 331 16.27 23.27 4.50
N LYS A 332 15.13 23.75 4.03
CA LYS A 332 13.92 23.79 4.84
C LYS A 332 12.80 22.91 4.28
N VAL A 333 12.97 22.43 3.04
CA VAL A 333 11.96 21.63 2.37
C VAL A 333 12.54 20.38 1.71
N ALA A 334 11.91 19.24 1.97
CA ALA A 334 12.14 18.02 1.21
C ALA A 334 10.80 17.54 0.62
N ILE A 335 10.79 17.24 -0.68
CA ILE A 335 9.60 16.68 -1.32
C ILE A 335 9.88 15.25 -1.80
N GLN A 336 9.15 14.29 -1.24
CA GLN A 336 9.26 12.91 -1.67
C GLN A 336 8.12 12.54 -2.62
N LEU A 337 8.50 12.12 -3.82
CA LEU A 337 7.55 11.70 -4.83
C LEU A 337 7.32 10.20 -4.75
N ASN A 338 6.11 9.82 -4.36
CA ASN A 338 5.73 8.42 -4.26
C ASN A 338 5.34 7.88 -5.65
N ASP A 339 6.32 7.26 -6.32
CA ASP A 339 6.20 6.82 -7.72
C ASP A 339 6.15 8.07 -8.61
N THR A 340 5.80 7.90 -9.88
CA THR A 340 5.77 9.02 -10.82
C THR A 340 4.47 9.82 -10.74
N HIS A 341 3.51 9.34 -9.95
CA HIS A 341 2.19 10.00 -9.93
C HIS A 341 2.25 11.51 -9.65
N PRO A 342 3.07 11.95 -8.67
CA PRO A 342 3.20 13.40 -8.48
C PRO A 342 4.39 14.03 -9.22
N SER A 343 4.84 13.43 -10.32
CA SER A 343 6.02 13.89 -11.07
C SER A 343 5.93 15.32 -11.60
N LEU A 344 4.70 15.80 -11.80
CA LEU A 344 4.49 17.18 -12.26
C LEU A 344 4.95 18.23 -11.23
N ALA A 345 5.29 17.79 -10.02
CA ALA A 345 5.90 18.68 -9.01
C ALA A 345 7.18 19.32 -9.53
N ILE A 346 7.93 18.58 -10.34
CA ILE A 346 9.20 19.08 -10.87
C ILE A 346 8.98 20.28 -11.81
N PRO A 347 8.22 20.11 -12.93
CA PRO A 347 7.96 21.30 -13.76
C PRO A 347 7.09 22.39 -13.11
N GLU A 348 6.25 22.02 -12.14
CA GLU A 348 5.44 22.99 -11.41
C GLU A 348 6.30 23.88 -10.48
N LEU A 349 7.28 23.27 -9.80
CA LEU A 349 8.23 24.03 -9.00
C LEU A 349 9.03 24.99 -9.88
N MET A 350 9.51 24.50 -11.02
CA MET A 350 10.16 25.35 -12.02
C MET A 350 9.27 26.50 -12.50
N ARG A 351 8.00 26.19 -12.80
CA ARG A 351 7.03 27.20 -13.24
C ARG A 351 6.88 28.32 -12.21
N VAL A 352 6.65 27.94 -10.96
CA VAL A 352 6.49 28.90 -9.87
C VAL A 352 7.76 29.74 -9.67
N LEU A 353 8.92 29.10 -9.63
CA LEU A 353 10.18 29.81 -9.40
C LEU A 353 10.56 30.73 -10.55
N VAL A 354 10.41 30.26 -11.78
CA VAL A 354 10.79 31.04 -12.97
C VAL A 354 9.76 32.10 -13.32
N ASP A 355 8.51 31.68 -13.56
CA ASP A 355 7.46 32.58 -14.02
C ASP A 355 6.95 33.56 -12.97
N LEU A 356 6.81 33.09 -11.72
CA LEU A 356 6.16 33.89 -10.68
C LEU A 356 7.13 34.55 -9.72
N GLU A 357 8.22 33.86 -9.39
CA GLU A 357 9.22 34.40 -8.47
C GLU A 357 10.39 35.07 -9.20
N ARG A 358 10.45 34.89 -10.52
CA ARG A 358 11.41 35.58 -11.41
C ARG A 358 12.88 35.18 -11.20
N LEU A 359 13.11 33.97 -10.70
CA LEU A 359 14.46 33.42 -10.59
C LEU A 359 14.91 32.98 -11.97
N ASP A 360 16.23 33.00 -12.21
CA ASP A 360 16.74 32.50 -13.47
C ASP A 360 16.65 30.97 -13.52
N TRP A 361 16.67 30.41 -14.73
CA TRP A 361 16.50 28.97 -14.92
C TRP A 361 17.46 28.13 -14.08
N ASP A 362 18.75 28.39 -14.23
CA ASP A 362 19.80 27.61 -13.57
C ASP A 362 19.65 27.54 -12.05
N LYS A 363 19.33 28.67 -11.42
CA LYS A 363 19.15 28.72 -9.96
C LYS A 363 17.87 27.98 -9.52
N ALA A 364 16.79 28.18 -10.25
CA ALA A 364 15.54 27.47 -10.01
C ALA A 364 15.74 25.95 -10.10
N TRP A 365 16.47 25.52 -11.12
CA TRP A 365 16.76 24.09 -11.35
C TRP A 365 17.60 23.49 -10.23
N GLU A 366 18.59 24.23 -9.75
CA GLU A 366 19.41 23.82 -8.61
C GLU A 366 18.53 23.58 -7.39
N VAL A 367 17.62 24.51 -7.11
CA VAL A 367 16.70 24.39 -5.98
C VAL A 367 15.79 23.17 -6.14
N THR A 368 15.18 23.04 -7.31
CA THR A 368 14.27 21.93 -7.61
C THR A 368 14.94 20.57 -7.37
N VAL A 369 16.12 20.38 -7.97
CA VAL A 369 16.86 19.12 -7.87
C VAL A 369 17.18 18.77 -6.41
N LYS A 370 17.65 19.75 -5.65
CA LYS A 370 17.99 19.57 -4.24
C LYS A 370 16.77 19.34 -3.34
N THR A 371 15.60 19.77 -3.80
CA THR A 371 14.36 19.62 -3.05
C THR A 371 13.69 18.26 -3.27
N CYS A 372 13.71 17.79 -4.52
CA CYS A 372 12.94 16.60 -4.90
C CYS A 372 13.72 15.30 -4.87
N ALA A 373 13.03 14.24 -4.43
CA ALA A 373 13.55 12.89 -4.50
C ALA A 373 12.44 11.95 -4.99
N TYR A 374 12.83 10.88 -5.67
CA TYR A 374 11.89 10.02 -6.37
C TYR A 374 12.05 8.56 -5.97
N THR A 375 10.93 7.94 -5.61
CA THR A 375 10.89 6.52 -5.29
C THR A 375 10.17 5.76 -6.39
N ASN A 376 10.89 4.82 -7.01
CA ASN A 376 10.31 3.90 -7.99
C ASN A 376 9.80 2.65 -7.29
N HIS A 377 8.64 2.16 -7.72
CA HIS A 377 7.98 1.03 -7.07
C HIS A 377 7.74 -0.17 -8.01
N THR A 378 8.16 -0.04 -9.27
CA THR A 378 7.87 -1.07 -10.28
C THR A 378 8.82 -1.05 -11.49
N VAL A 379 8.98 -2.21 -12.12
CA VAL A 379 9.70 -2.31 -13.39
C VAL A 379 8.79 -2.81 -14.53
N LEU A 380 7.55 -3.15 -14.20
CA LEU A 380 6.59 -3.61 -15.22
C LEU A 380 6.30 -2.48 -16.21
N PRO A 381 6.54 -2.74 -17.51
CA PRO A 381 6.35 -1.75 -18.58
C PRO A 381 4.94 -1.17 -18.61
N GLU A 382 3.94 -2.00 -18.34
CA GLU A 382 2.54 -1.56 -18.35
C GLU A 382 2.17 -0.63 -17.21
N ALA A 383 3.05 -0.52 -16.21
CA ALA A 383 2.83 0.32 -15.04
C ALA A 383 3.49 1.69 -15.17
N LEU A 384 4.38 1.84 -16.15
CA LEU A 384 5.13 3.07 -16.33
C LEU A 384 4.26 4.17 -16.97
N GLU A 385 4.31 5.36 -16.37
CA GLU A 385 3.52 6.49 -16.84
C GLU A 385 4.18 7.18 -18.02
N ARG A 386 3.50 7.14 -19.14
CA ARG A 386 3.95 7.81 -20.36
C ARG A 386 2.79 8.60 -20.93
N TRP A 387 2.74 9.89 -20.64
CA TRP A 387 1.61 10.73 -21.03
C TRP A 387 1.75 11.28 -22.44
N PRO A 388 0.71 11.11 -23.27
CA PRO A 388 0.65 11.67 -24.63
C PRO A 388 0.86 13.17 -24.61
N VAL A 389 1.75 13.64 -25.49
CA VAL A 389 2.08 15.06 -25.59
C VAL A 389 0.83 15.91 -25.85
N HIS A 390 -0.10 15.41 -26.66
CA HIS A 390 -1.31 16.15 -27.01
C HIS A 390 -2.22 16.41 -25.82
N LEU A 391 -2.20 15.50 -24.84
CA LEU A 391 -2.90 15.70 -23.58
C LEU A 391 -2.30 16.84 -22.76
N LEU A 392 -0.98 16.81 -22.58
CA LEU A 392 -0.28 17.83 -21.80
C LEU A 392 -0.32 19.18 -22.49
N GLU A 393 -0.34 19.16 -23.82
CA GLU A 393 -0.44 20.37 -24.63
C GLU A 393 -1.73 21.14 -24.39
N THR A 394 -2.83 20.42 -24.28
CA THR A 394 -4.16 21.03 -24.08
C THR A 394 -4.40 21.39 -22.62
N LEU A 395 -4.01 20.47 -21.72
CA LEU A 395 -4.31 20.63 -20.30
C LEU A 395 -3.32 21.53 -19.57
N LEU A 396 -2.04 21.37 -19.88
CA LEU A 396 -0.97 22.05 -19.15
C LEU A 396 0.07 22.61 -20.10
N PRO A 397 -0.31 23.57 -20.96
CA PRO A 397 0.57 24.07 -22.03
C PRO A 397 1.92 24.61 -21.55
N ARG A 398 1.94 25.28 -20.41
CA ARG A 398 3.19 25.83 -19.88
C ARG A 398 4.12 24.74 -19.34
N HIS A 399 3.54 23.73 -18.71
CA HIS A 399 4.33 22.61 -18.19
C HIS A 399 5.02 21.81 -19.29
N LEU A 400 4.35 21.64 -20.42
CA LEU A 400 4.96 20.96 -21.58
C LEU A 400 6.19 21.73 -22.08
N GLN A 401 6.10 23.06 -22.08
CA GLN A 401 7.22 23.92 -22.53
C GLN A 401 8.41 23.76 -21.60
N ILE A 402 8.14 23.73 -20.30
CA ILE A 402 9.17 23.52 -19.29
C ILE A 402 9.81 22.14 -19.42
N ILE A 403 8.99 21.12 -19.69
CA ILE A 403 9.47 19.75 -19.86
C ILE A 403 10.41 19.61 -21.08
N TYR A 404 10.03 20.27 -22.17
CA TYR A 404 10.87 20.31 -23.37
C TYR A 404 12.24 20.94 -23.09
N GLU A 405 12.22 22.06 -22.37
CA GLU A 405 13.44 22.79 -21.98
C GLU A 405 14.31 21.99 -21.00
N ILE A 406 13.66 21.31 -20.05
CA ILE A 406 14.35 20.36 -19.17
C ILE A 406 15.05 19.30 -20.01
N ASN A 407 14.31 18.73 -20.97
CA ASN A 407 14.82 17.67 -21.82
C ASN A 407 16.04 18.09 -22.64
N GLN A 408 15.95 19.28 -23.26
CA GLN A 408 17.02 19.83 -24.09
C GLN A 408 18.31 19.99 -23.28
N ARG A 409 18.20 20.59 -22.10
CA ARG A 409 19.35 20.82 -21.24
C ARG A 409 19.95 19.52 -20.67
N PHE A 410 19.09 18.55 -20.38
CA PHE A 410 19.53 17.25 -19.86
C PHE A 410 20.30 16.47 -20.94
N LEU A 411 19.74 16.45 -22.15
CA LEU A 411 20.37 15.73 -23.26
C LEU A 411 21.69 16.38 -23.69
N ASN A 412 21.80 17.71 -23.50
CA ASN A 412 23.07 18.40 -23.71
C ASN A 412 24.18 17.90 -22.79
N ARG A 413 23.82 17.61 -21.53
CA ARG A 413 24.75 16.99 -20.58
C ARG A 413 25.12 15.56 -20.98
N VAL A 414 24.13 14.81 -21.46
CA VAL A 414 24.37 13.43 -21.89
C VAL A 414 25.36 13.42 -23.07
N ALA A 415 25.10 14.31 -24.04
CA ALA A 415 25.92 14.44 -25.23
C ALA A 415 27.38 14.80 -24.91
N ALA A 416 27.58 15.61 -23.88
CA ALA A 416 28.92 16.00 -23.45
C ALA A 416 29.64 14.89 -22.70
N ALA A 417 28.88 14.07 -21.98
CA ALA A 417 29.44 12.98 -21.20
C ALA A 417 29.78 11.76 -22.06
N PHE A 418 28.92 11.50 -23.05
CA PHE A 418 29.09 10.35 -23.95
C PHE A 418 29.02 10.84 -25.41
N PRO A 419 30.08 11.54 -25.89
CA PRO A 419 30.01 12.16 -27.21
C PRO A 419 29.85 11.13 -28.33
N GLY A 420 28.94 11.40 -29.25
CA GLY A 420 28.71 10.53 -30.40
C GLY A 420 27.73 9.39 -30.20
N ASP A 421 27.34 9.14 -28.95
CA ASP A 421 26.42 8.06 -28.62
C ASP A 421 24.98 8.51 -28.86
N VAL A 422 24.57 8.47 -30.13
CA VAL A 422 23.27 8.96 -30.56
C VAL A 422 22.11 8.12 -30.06
N ASP A 423 22.31 6.81 -29.93
CA ASP A 423 21.24 5.95 -29.43
C ASP A 423 20.98 6.16 -27.94
N ARG A 424 22.01 6.49 -27.18
CA ARG A 424 21.85 6.81 -25.75
C ARG A 424 20.95 8.03 -25.59
N LEU A 425 21.17 9.04 -26.44
CA LEU A 425 20.35 10.26 -26.45
C LEU A 425 18.88 9.93 -26.65
N ARG A 426 18.58 9.03 -27.60
CA ARG A 426 17.19 8.66 -27.86
C ARG A 426 16.60 7.81 -26.72
N ARG A 427 17.42 6.98 -26.10
CA ARG A 427 16.99 6.14 -24.98
C ARG A 427 16.69 6.96 -23.72
N MET A 428 17.50 7.98 -23.46
CA MET A 428 17.40 8.77 -22.22
C MET A 428 16.43 9.95 -22.31
N SER A 429 16.04 10.30 -23.54
CA SER A 429 15.12 11.41 -23.77
C SER A 429 13.85 11.31 -22.93
N LEU A 430 13.39 12.44 -22.39
CA LEU A 430 12.12 12.48 -21.66
C LEU A 430 10.99 12.36 -22.66
N VAL A 431 11.25 12.73 -23.91
CA VAL A 431 10.29 12.67 -24.99
C VAL A 431 10.51 11.38 -25.79
N GLU A 432 9.48 10.54 -25.84
CA GLU A 432 9.52 9.33 -26.65
C GLU A 432 8.83 9.58 -27.98
N GLU A 433 9.54 9.32 -29.07
CA GLU A 433 8.97 9.45 -30.41
C GLU A 433 8.24 8.18 -30.82
N GLY A 434 7.29 8.33 -31.74
CA GLY A 434 6.51 7.18 -32.22
C GLY A 434 5.20 7.61 -32.86
N ALA A 435 4.25 6.67 -32.92
CA ALA A 435 2.89 6.95 -33.42
C ALA A 435 2.31 8.16 -32.69
N VAL A 436 2.29 8.09 -31.36
CA VAL A 436 2.00 9.26 -30.53
C VAL A 436 3.26 9.59 -29.73
N LYS A 437 3.67 10.85 -29.74
CA LYS A 437 4.75 11.30 -28.87
C LYS A 437 4.25 11.23 -27.42
N ARG A 438 5.12 10.78 -26.53
CA ARG A 438 4.80 10.67 -25.10
C ARG A 438 5.92 11.25 -24.26
N ILE A 439 5.57 11.64 -23.03
CA ILE A 439 6.56 12.03 -22.04
C ILE A 439 6.75 10.87 -21.07
N ASN A 440 7.99 10.43 -20.93
CA ASN A 440 8.32 9.39 -19.96
C ASN A 440 8.49 10.05 -18.59
N MET A 441 7.51 9.84 -17.71
CA MET A 441 7.51 10.53 -16.41
C MET A 441 8.61 10.05 -15.47
N ALA A 442 9.03 8.80 -15.63
CA ALA A 442 10.16 8.25 -14.86
C ALA A 442 11.47 8.96 -15.20
N HIS A 443 11.68 9.24 -16.49
CA HIS A 443 12.86 9.95 -16.97
C HIS A 443 12.88 11.38 -16.43
N LEU A 444 11.71 12.02 -16.43
CA LEU A 444 11.54 13.37 -15.84
C LEU A 444 11.96 13.37 -14.37
N CYS A 445 11.49 12.36 -13.63
CA CYS A 445 11.76 12.26 -12.18
C CYS A 445 13.23 12.09 -11.84
N ILE A 446 13.94 11.30 -12.65
CA ILE A 446 15.37 11.08 -12.44
C ILE A 446 16.17 12.37 -12.69
N ALA A 447 15.87 13.03 -13.81
CA ALA A 447 16.50 14.29 -14.18
C ALA A 447 16.36 15.37 -13.11
N GLY A 448 15.16 15.49 -12.55
CA GLY A 448 14.86 16.57 -11.61
C GLY A 448 14.91 16.25 -10.14
N SER A 449 15.48 15.09 -9.79
CA SER A 449 15.64 14.68 -8.38
C SER A 449 17.10 14.45 -8.03
N HIS A 450 17.47 14.72 -6.77
CA HIS A 450 18.84 14.47 -6.29
C HIS A 450 19.03 13.04 -5.79
N ALA A 451 17.92 12.32 -5.58
CA ALA A 451 17.97 10.92 -5.16
C ALA A 451 16.86 10.12 -5.83
N VAL A 452 17.20 8.88 -6.20
CA VAL A 452 16.26 7.94 -6.79
C VAL A 452 16.47 6.60 -6.09
N ASN A 453 15.42 6.05 -5.50
CA ASN A 453 15.54 4.79 -4.80
C ASN A 453 14.55 3.71 -5.23
N GLY A 454 14.98 2.46 -5.15
CA GLY A 454 14.09 1.32 -5.25
C GLY A 454 13.69 0.88 -3.86
N VAL A 455 12.84 -0.13 -3.78
CA VAL A 455 12.13 -0.43 -2.53
C VAL A 455 12.55 -1.77 -1.92
N ALA A 456 13.57 -2.38 -2.52
CA ALA A 456 14.21 -3.58 -1.99
C ALA A 456 15.53 -3.77 -2.73
N ARG A 457 16.50 -4.41 -2.07
CA ARG A 457 17.85 -4.49 -2.60
C ARG A 457 17.92 -5.05 -4.03
N ILE A 458 17.22 -6.15 -4.30
CA ILE A 458 17.20 -6.75 -5.63
C ILE A 458 16.53 -5.85 -6.68
N HIS A 459 15.50 -5.11 -6.24
CA HIS A 459 14.78 -4.18 -7.09
C HIS A 459 15.68 -3.01 -7.48
N SER A 460 16.37 -2.43 -6.51
CA SER A 460 17.28 -1.32 -6.76
C SER A 460 18.44 -1.71 -7.69
N GLU A 461 18.91 -2.95 -7.57
CA GLU A 461 19.94 -3.48 -8.46
C GLU A 461 19.42 -3.67 -9.88
N ILE A 462 18.21 -4.21 -10.01
CA ILE A 462 17.54 -4.33 -11.31
C ILE A 462 17.38 -2.98 -12.02
N LEU A 463 17.11 -1.92 -11.24
CA LEU A 463 17.00 -0.56 -11.81
C LEU A 463 18.32 -0.08 -12.41
N LYS A 464 19.42 -0.37 -11.72
CA LYS A 464 20.75 0.09 -12.17
C LYS A 464 21.27 -0.77 -13.31
N LYS A 465 20.78 -2.00 -13.39
CA LYS A 465 21.24 -2.96 -14.39
C LYS A 465 20.42 -2.95 -15.66
N THR A 466 19.14 -2.56 -15.56
CA THR A 466 18.24 -2.63 -16.71
C THR A 466 17.62 -1.28 -17.11
N ILE A 467 16.42 -0.98 -16.63
CA ILE A 467 15.64 0.15 -17.16
C ILE A 467 16.24 1.54 -16.97
N PHE A 468 17.00 1.75 -15.88
CA PHE A 468 17.65 3.04 -15.65
C PHE A 468 19.18 2.97 -15.74
N LYS A 469 19.69 1.96 -16.42
CA LYS A 469 21.13 1.75 -16.60
C LYS A 469 21.86 2.99 -17.13
N ASP A 470 21.31 3.60 -18.18
CA ASP A 470 21.90 4.79 -18.80
C ASP A 470 22.01 5.95 -17.79
N PHE A 471 20.97 6.13 -16.99
CA PHE A 471 20.92 7.17 -15.97
C PHE A 471 21.88 6.90 -14.82
N TYR A 472 22.01 5.63 -14.45
CA TYR A 472 23.00 5.23 -13.44
C TYR A 472 24.43 5.50 -13.91
N GLU A 473 24.70 5.24 -15.19
CA GLU A 473 26.01 5.52 -15.79
C GLU A 473 26.34 7.01 -15.80
N LEU A 474 25.33 7.85 -16.06
CA LEU A 474 25.50 9.31 -16.03
C LEU A 474 25.67 9.86 -14.61
N GLU A 475 24.83 9.42 -13.68
CA GLU A 475 24.84 9.95 -12.31
C GLU A 475 24.70 8.85 -11.25
N PRO A 476 25.79 8.07 -11.02
CA PRO A 476 25.74 6.93 -10.10
C PRO A 476 25.37 7.30 -8.66
N HIS A 477 25.76 8.49 -8.23
CA HIS A 477 25.53 8.99 -6.86
C HIS A 477 24.05 9.16 -6.50
N LYS A 478 23.24 9.39 -7.51
CA LYS A 478 21.81 9.64 -7.35
C LYS A 478 21.05 8.40 -6.88
N PHE A 479 21.57 7.22 -7.21
CA PHE A 479 20.82 5.97 -7.03
C PHE A 479 21.04 5.28 -5.69
N GLN A 480 19.93 4.95 -5.02
CA GLN A 480 19.95 4.38 -3.68
C GLN A 480 18.98 3.21 -3.55
N ASN A 481 19.09 2.49 -2.44
CA ASN A 481 18.09 1.53 -2.02
C ASN A 481 17.50 1.94 -0.67
N LYS A 482 16.19 1.75 -0.53
CA LYS A 482 15.50 1.85 0.76
C LYS A 482 14.50 0.71 0.82
N THR A 483 14.91 -0.39 1.45
CA THR A 483 14.03 -1.55 1.57
C THR A 483 12.79 -1.17 2.37
N ASN A 484 11.62 -1.53 1.83
CA ASN A 484 10.33 -1.28 2.46
C ASN A 484 10.20 -1.86 3.87
N GLY A 485 9.21 -1.38 4.60
CA GLY A 485 8.89 -1.89 5.92
C GLY A 485 7.42 -1.70 6.21
N ILE A 486 6.98 -2.20 7.36
CA ILE A 486 5.60 -2.07 7.83
C ILE A 486 5.65 -1.59 9.28
N THR A 487 4.59 -0.94 9.73
CA THR A 487 4.58 -0.44 11.11
C THR A 487 4.19 -1.55 12.09
N PRO A 488 5.05 -1.78 13.10
CA PRO A 488 4.74 -2.81 14.10
C PRO A 488 3.59 -2.41 15.05
N ARG A 489 3.13 -1.16 14.99
CA ARG A 489 1.97 -0.76 15.78
C ARG A 489 0.70 -1.39 15.22
N ARG A 490 0.33 -1.01 13.99
CA ARG A 490 -0.82 -1.63 13.34
C ARG A 490 -0.64 -3.13 13.10
N TRP A 491 0.55 -3.53 12.66
CA TRP A 491 0.77 -4.88 12.16
C TRP A 491 1.30 -5.90 13.18
N LEU A 492 1.28 -5.51 14.45
CA LEU A 492 1.54 -6.46 15.54
C LEU A 492 0.68 -6.12 16.76
N VAL A 493 0.96 -4.99 17.39
CA VAL A 493 0.26 -4.60 18.64
C VAL A 493 -1.24 -4.51 18.43
N LEU A 494 -1.65 -3.85 17.35
CA LEU A 494 -3.07 -3.66 17.07
C LEU A 494 -3.78 -4.95 16.66
N CYS A 495 -3.25 -5.63 15.65
CA CYS A 495 -3.96 -6.79 15.08
C CYS A 495 -3.68 -8.11 15.82
N ASN A 496 -2.59 -8.16 16.58
CA ASN A 496 -2.20 -9.40 17.26
C ASN A 496 -1.74 -9.12 18.70
N PRO A 497 -2.68 -8.66 19.57
CA PRO A 497 -2.31 -8.30 20.94
C PRO A 497 -1.76 -9.49 21.75
N GLY A 498 -2.35 -10.67 21.56
CA GLY A 498 -1.90 -11.90 22.23
C GLY A 498 -0.45 -12.26 21.98
N LEU A 499 0.03 -12.04 20.77
CA LEU A 499 1.44 -12.28 20.42
C LEU A 499 2.33 -11.17 20.97
N ALA A 500 1.88 -9.92 20.83
CA ALA A 500 2.61 -8.79 21.40
C ALA A 500 2.83 -8.95 22.91
N GLU A 501 1.84 -9.52 23.58
CA GLU A 501 1.86 -9.70 25.04
C GLU A 501 2.87 -10.76 25.49
N ILE A 502 2.80 -11.95 24.89
CA ILE A 502 3.73 -13.03 25.24
C ILE A 502 5.18 -12.63 24.96
N ILE A 503 5.38 -11.77 23.97
CA ILE A 503 6.70 -11.23 23.69
C ILE A 503 7.13 -10.23 24.76
N ALA A 504 6.22 -9.33 25.13
CA ALA A 504 6.52 -8.31 26.15
C ALA A 504 6.80 -8.92 27.52
N GLU A 505 6.13 -10.04 27.83
CA GLU A 505 6.38 -10.78 29.07
C GLU A 505 7.84 -11.19 29.21
N ARG A 506 8.47 -11.55 28.08
CA ARG A 506 9.86 -12.00 28.08
C ARG A 506 10.86 -10.84 27.97
N ILE A 507 10.65 -9.93 27.02
CA ILE A 507 11.67 -8.92 26.70
C ILE A 507 11.28 -7.46 26.99
N GLY A 508 10.08 -7.24 27.51
CA GLY A 508 9.62 -5.89 27.78
C GLY A 508 8.90 -5.27 26.60
N GLU A 509 8.60 -3.98 26.70
CA GLU A 509 7.75 -3.29 25.73
C GLU A 509 8.53 -2.43 24.73
N GLU A 510 9.83 -2.27 24.94
CA GLU A 510 10.67 -1.37 24.14
C GLU A 510 10.74 -1.71 22.65
N TYR A 511 10.50 -2.97 22.31
CA TYR A 511 10.61 -3.45 20.94
C TYR A 511 9.58 -2.82 19.99
N ILE A 512 8.45 -2.37 20.54
CA ILE A 512 7.38 -1.79 19.74
C ILE A 512 7.84 -0.57 18.91
N SER A 513 8.79 0.18 19.44
CA SER A 513 9.40 1.29 18.72
C SER A 513 10.88 1.06 18.43
N ASP A 514 11.33 -0.18 18.60
CA ASP A 514 12.69 -0.60 18.29
C ASP A 514 12.63 -2.08 17.98
N LEU A 515 12.13 -2.41 16.80
CA LEU A 515 11.79 -3.80 16.46
C LEU A 515 13.00 -4.75 16.38
N ASP A 516 14.19 -4.20 16.23
CA ASP A 516 15.43 -4.99 16.25
C ASP A 516 15.58 -5.80 17.55
N GLN A 517 14.98 -5.30 18.63
CA GLN A 517 15.03 -5.98 19.93
C GLN A 517 14.42 -7.39 19.92
N LEU A 518 13.56 -7.67 18.94
CA LEU A 518 12.99 -9.01 18.77
C LEU A 518 14.04 -10.11 18.63
N ARG A 519 15.26 -9.74 18.25
CA ARG A 519 16.39 -10.70 18.18
C ARG A 519 16.65 -11.40 19.51
N LYS A 520 16.33 -10.72 20.60
CA LYS A 520 16.44 -11.28 21.94
C LYS A 520 15.59 -12.55 22.11
N LEU A 521 14.63 -12.74 21.21
CA LEU A 521 13.77 -13.93 21.24
C LEU A 521 14.46 -15.22 20.79
N LEU A 522 15.61 -15.10 20.13
CA LEU A 522 16.40 -16.27 19.74
C LEU A 522 16.86 -17.10 20.95
N SER A 523 17.03 -16.45 22.10
CA SER A 523 17.40 -17.16 23.33
C SER A 523 16.21 -17.88 23.99
N TYR A 524 15.08 -17.91 23.29
CA TYR A 524 13.88 -18.60 23.78
C TYR A 524 13.41 -19.70 22.84
N VAL A 525 14.18 -19.98 21.79
CA VAL A 525 13.82 -20.97 20.77
C VAL A 525 13.75 -22.40 21.31
N ASP A 526 14.45 -22.65 22.42
CA ASP A 526 14.42 -23.95 23.10
C ASP A 526 13.67 -23.91 24.42
N ASP A 527 13.06 -22.75 24.72
CA ASP A 527 12.25 -22.57 25.91
C ASP A 527 10.86 -23.15 25.68
N GLU A 528 10.56 -24.25 26.38
CA GLU A 528 9.32 -25.00 26.19
C GLU A 528 8.06 -24.21 26.55
N ALA A 529 8.18 -23.30 27.52
CA ALA A 529 7.06 -22.44 27.91
C ALA A 529 6.71 -21.50 26.76
N PHE A 530 7.73 -20.82 26.22
CA PHE A 530 7.54 -19.90 25.10
C PHE A 530 7.02 -20.58 23.82
N ILE A 531 7.62 -21.72 23.46
CA ILE A 531 7.15 -22.52 22.32
C ILE A 531 5.65 -22.81 22.42
N ARG A 532 5.21 -23.21 23.62
CA ARG A 532 3.81 -23.51 23.89
C ARG A 532 2.93 -22.26 23.77
N ASP A 533 3.44 -21.12 24.24
CA ASP A 533 2.71 -19.85 24.17
C ASP A 533 2.54 -19.33 22.73
N VAL A 534 3.62 -19.42 21.94
CA VAL A 534 3.56 -19.01 20.53
C VAL A 534 2.51 -19.82 19.76
N ALA A 535 2.53 -21.14 19.95
CA ALA A 535 1.57 -22.05 19.32
C ALA A 535 0.14 -21.84 19.80
N LYS A 536 -0.01 -21.46 21.08
CA LYS A 536 -1.30 -21.17 21.68
C LYS A 536 -1.93 -19.90 21.07
N VAL A 537 -1.12 -18.86 20.94
CA VAL A 537 -1.57 -17.59 20.35
C VAL A 537 -2.06 -17.78 18.92
N LYS A 538 -1.31 -18.55 18.13
CA LYS A 538 -1.71 -18.87 16.76
C LYS A 538 -3.04 -19.61 16.73
N GLN A 539 -3.17 -20.63 17.57
CA GLN A 539 -4.39 -21.43 17.63
C GLN A 539 -5.62 -20.59 18.01
N GLU A 540 -5.43 -19.68 18.97
CA GLU A 540 -6.49 -18.73 19.35
C GLU A 540 -6.90 -17.84 18.18
N ASN A 541 -5.91 -17.34 17.43
CA ASN A 541 -6.17 -16.49 16.26
C ASN A 541 -6.94 -17.25 15.19
N LYS A 542 -6.53 -18.50 14.96
CA LYS A 542 -7.16 -19.37 13.97
C LYS A 542 -8.62 -19.69 14.32
N LEU A 543 -8.87 -19.98 15.58
CA LEU A 543 -10.22 -20.28 16.09
C LEU A 543 -11.15 -19.08 15.95
N LYS A 544 -10.65 -17.91 16.34
CA LYS A 544 -11.43 -16.68 16.21
C LYS A 544 -11.75 -16.36 14.76
N PHE A 545 -10.77 -16.53 13.87
CA PHE A 545 -10.99 -16.25 12.45
C PHE A 545 -11.93 -17.27 11.78
N ALA A 546 -11.88 -18.52 12.24
CA ALA A 546 -12.79 -19.57 11.78
C ALA A 546 -14.23 -19.27 12.17
N ALA A 547 -14.41 -18.68 13.35
CA ALA A 547 -15.73 -18.23 13.83
C ALA A 547 -16.26 -17.06 12.98
N TYR A 548 -15.37 -16.12 12.65
CA TYR A 548 -15.72 -14.99 11.78
C TYR A 548 -16.34 -15.46 10.48
N LEU A 549 -15.69 -16.42 9.84
CA LEU A 549 -16.13 -16.95 8.55
C LEU A 549 -17.54 -17.57 8.60
N GLU A 550 -17.86 -18.22 9.71
CA GLU A 550 -19.21 -18.76 9.93
C GLU A 550 -20.22 -17.65 10.17
N ARG A 551 -19.93 -16.76 11.11
CA ARG A 551 -20.83 -15.67 11.51
C ARG A 551 -21.18 -14.72 10.36
N GLU A 552 -20.17 -14.30 9.59
CA GLU A 552 -20.34 -13.27 8.57
C GLU A 552 -20.44 -13.79 7.12
N TYR A 553 -20.08 -15.05 6.89
CA TYR A 553 -20.09 -15.61 5.53
C TYR A 553 -20.63 -17.04 5.39
N LYS A 554 -21.15 -17.60 6.49
CA LYS A 554 -21.76 -18.94 6.53
C LYS A 554 -20.92 -20.04 5.87
N VAL A 555 -19.61 -20.03 6.13
CA VAL A 555 -18.70 -21.06 5.62
C VAL A 555 -18.04 -21.83 6.76
N HIS A 556 -17.92 -23.15 6.60
CA HIS A 556 -17.39 -24.02 7.65
C HIS A 556 -15.97 -24.51 7.34
N ILE A 557 -15.05 -24.22 8.25
CA ILE A 557 -13.65 -24.65 8.09
C ILE A 557 -13.09 -25.38 9.33
N ASN A 558 -12.11 -26.24 9.10
CA ASN A 558 -11.42 -26.98 10.15
C ASN A 558 -10.24 -26.15 10.72
N PRO A 559 -10.36 -25.70 11.98
CA PRO A 559 -9.35 -24.84 12.61
C PRO A 559 -8.05 -25.56 12.95
N ASN A 560 -8.03 -26.88 12.77
CA ASN A 560 -6.83 -27.68 13.00
C ASN A 560 -5.98 -27.86 11.75
N SER A 561 -6.52 -27.47 10.61
CA SER A 561 -5.82 -27.55 9.33
C SER A 561 -4.77 -26.45 9.22
N LEU A 562 -3.84 -26.62 8.27
CA LEU A 562 -2.85 -25.59 7.98
C LEU A 562 -3.56 -24.47 7.21
N PHE A 563 -3.44 -23.25 7.72
CA PHE A 563 -4.04 -22.08 7.07
C PHE A 563 -3.09 -21.52 6.01
N ASP A 564 -3.37 -21.87 4.76
CA ASP A 564 -2.51 -21.57 3.63
C ASP A 564 -3.13 -20.37 2.90
N VAL A 565 -2.47 -19.21 3.02
CA VAL A 565 -3.10 -17.97 2.56
C VAL A 565 -2.27 -17.11 1.59
N GLN A 566 -2.93 -16.72 0.51
CA GLN A 566 -2.38 -15.76 -0.44
C GLN A 566 -3.36 -14.58 -0.55
N VAL A 567 -3.02 -13.47 0.08
CA VAL A 567 -3.85 -12.27 0.01
C VAL A 567 -3.06 -11.09 -0.53
N LYS A 568 -3.61 -10.47 -1.58
CA LYS A 568 -2.96 -9.41 -2.35
C LYS A 568 -3.83 -9.16 -3.58
N ARG A 569 -3.57 -8.06 -4.29
CA ARG A 569 -4.32 -7.77 -5.51
C ARG A 569 -4.18 -8.91 -6.53
N ILE A 570 -5.24 -9.17 -7.29
CA ILE A 570 -5.17 -10.20 -8.33
C ILE A 570 -4.39 -9.66 -9.54
N HIS A 571 -3.26 -10.29 -9.82
CA HIS A 571 -2.41 -9.94 -10.97
C HIS A 571 -1.75 -11.20 -11.50
N GLU A 572 -1.60 -11.28 -12.82
CA GLU A 572 -0.83 -12.35 -13.44
C GLU A 572 0.58 -12.51 -12.86
N TYR A 573 1.28 -11.41 -12.58
CA TYR A 573 2.65 -11.50 -12.06
C TYR A 573 2.75 -12.08 -10.65
N LYS A 574 1.69 -11.93 -9.86
CA LYS A 574 1.64 -12.46 -8.49
C LYS A 574 1.30 -13.96 -8.47
N ARG A 575 0.87 -14.48 -9.61
CA ARG A 575 0.70 -15.92 -9.87
C ARG A 575 -0.23 -16.67 -8.90
N GLN A 576 -1.39 -16.07 -8.61
CA GLN A 576 -2.50 -16.80 -7.99
C GLN A 576 -2.80 -18.08 -8.80
N LEU A 577 -2.53 -18.04 -10.10
CA LEU A 577 -2.69 -19.21 -10.97
C LEU A 577 -1.79 -20.39 -10.60
N LEU A 578 -0.54 -20.09 -10.20
CA LEU A 578 0.39 -21.13 -9.76
C LEU A 578 -0.15 -21.81 -8.50
N ASN A 579 -0.67 -21.00 -7.58
CA ASN A 579 -1.37 -21.48 -6.39
C ASN A 579 -2.54 -22.40 -6.77
N CYS A 580 -3.34 -21.97 -7.74
CA CYS A 580 -4.47 -22.76 -8.23
C CYS A 580 -4.06 -24.14 -8.74
N LEU A 581 -2.93 -24.21 -9.45
CA LEU A 581 -2.43 -25.46 -10.00
C LEU A 581 -2.02 -26.42 -8.88
N HIS A 582 -1.38 -25.89 -7.84
CA HIS A 582 -1.05 -26.69 -6.66
C HIS A 582 -2.30 -27.23 -5.96
N VAL A 583 -3.30 -26.37 -5.78
CA VAL A 583 -4.55 -26.78 -5.15
C VAL A 583 -5.18 -27.96 -5.89
N ILE A 584 -5.26 -27.84 -7.22
CA ILE A 584 -5.82 -28.91 -8.06
C ILE A 584 -4.99 -30.20 -8.00
N THR A 585 -3.67 -30.05 -7.91
CA THR A 585 -2.76 -31.17 -7.75
C THR A 585 -3.08 -31.96 -6.47
N LEU A 586 -3.27 -31.25 -5.36
CA LEU A 586 -3.63 -31.86 -4.07
C LEU A 586 -4.96 -32.60 -4.16
N TYR A 587 -5.94 -31.97 -4.79
CA TYR A 587 -7.25 -32.57 -5.01
C TYR A 587 -7.14 -33.86 -5.84
N ASN A 588 -6.39 -33.80 -6.94
CA ASN A 588 -6.19 -34.97 -7.80
C ASN A 588 -5.45 -36.12 -7.11
N ARG A 589 -4.47 -35.78 -6.28
CA ARG A 589 -3.74 -36.77 -5.49
C ARG A 589 -4.61 -37.43 -4.42
N ILE A 590 -5.55 -36.67 -3.85
CA ILE A 590 -6.52 -37.22 -2.90
C ILE A 590 -7.50 -38.17 -3.60
N LYS A 591 -8.02 -37.74 -4.75
CA LYS A 591 -8.94 -38.58 -5.53
C LYS A 591 -8.30 -39.90 -6.00
N LYS A 592 -6.98 -39.86 -6.22
CA LYS A 592 -6.23 -41.04 -6.66
C LYS A 592 -6.01 -42.05 -5.52
N GLU A 593 -5.61 -41.54 -4.35
CA GLU A 593 -5.40 -42.37 -3.16
C GLU A 593 -6.19 -41.81 -1.97
N PRO A 594 -7.52 -42.03 -1.95
CA PRO A 594 -8.40 -41.39 -0.97
C PRO A 594 -8.09 -41.77 0.48
N ASN A 595 -7.64 -42.99 0.70
CA ASN A 595 -7.46 -43.52 2.06
C ASN A 595 -6.05 -43.35 2.59
N LYS A 596 -5.26 -42.56 1.87
CA LYS A 596 -3.93 -42.17 2.26
C LYS A 596 -4.02 -40.88 3.09
N PHE A 597 -3.18 -40.76 4.11
CA PHE A 597 -3.20 -39.57 4.98
C PHE A 597 -2.50 -38.39 4.32
N VAL A 598 -3.16 -37.23 4.39
CA VAL A 598 -2.56 -35.95 3.99
C VAL A 598 -2.76 -34.92 5.10
N VAL A 599 -1.78 -34.03 5.27
CA VAL A 599 -1.91 -32.90 6.19
C VAL A 599 -3.07 -32.02 5.68
N PRO A 600 -4.09 -31.81 6.55
CA PRO A 600 -5.25 -31.02 6.13
C PRO A 600 -4.86 -29.56 5.93
N ARG A 601 -5.43 -28.94 4.89
CA ARG A 601 -5.17 -27.54 4.58
C ARG A 601 -6.46 -26.79 4.35
N THR A 602 -6.49 -25.54 4.79
CA THR A 602 -7.49 -24.58 4.33
C THR A 602 -6.75 -23.56 3.47
N VAL A 603 -7.03 -23.58 2.17
CA VAL A 603 -6.40 -22.67 1.24
C VAL A 603 -7.28 -21.44 1.06
N MET A 604 -6.75 -20.31 1.49
CA MET A 604 -7.47 -19.04 1.39
C MET A 604 -6.77 -18.14 0.39
N ILE A 605 -7.53 -17.68 -0.59
CA ILE A 605 -7.03 -16.73 -1.57
C ILE A 605 -8.00 -15.55 -1.61
N GLY A 606 -7.46 -14.35 -1.48
CA GLY A 606 -8.28 -13.15 -1.57
C GLY A 606 -7.58 -11.99 -2.23
N GLY A 607 -8.38 -11.07 -2.78
CA GLY A 607 -7.84 -9.89 -3.43
C GLY A 607 -8.78 -9.35 -4.48
N LYS A 608 -8.62 -8.07 -4.79
CA LYS A 608 -9.45 -7.41 -5.77
C LYS A 608 -8.77 -7.38 -7.13
N ALA A 609 -9.58 -7.50 -8.17
CA ALA A 609 -9.15 -7.31 -9.55
C ALA A 609 -9.56 -5.92 -10.03
N ALA A 610 -8.68 -5.25 -10.76
CA ALA A 610 -9.01 -4.00 -11.40
C ALA A 610 -10.19 -4.29 -12.33
N PRO A 611 -11.23 -3.42 -12.32
CA PRO A 611 -12.48 -3.66 -13.08
C PRO A 611 -12.28 -3.99 -14.56
N GLY A 612 -11.30 -3.38 -15.21
CA GLY A 612 -11.04 -3.63 -16.65
C GLY A 612 -10.07 -4.76 -16.97
N TYR A 613 -9.55 -5.41 -15.94
CA TYR A 613 -8.53 -6.44 -16.08
C TYR A 613 -9.24 -7.79 -16.23
N HIS A 614 -9.55 -8.14 -17.47
CA HIS A 614 -10.34 -9.34 -17.76
C HIS A 614 -9.74 -10.63 -17.22
N MET A 615 -8.45 -10.86 -17.49
CA MET A 615 -7.77 -12.07 -17.03
C MET A 615 -7.81 -12.21 -15.50
N ALA A 616 -7.60 -11.12 -14.78
CA ALA A 616 -7.70 -11.13 -13.32
C ALA A 616 -9.09 -11.53 -12.83
N LYS A 617 -10.12 -11.04 -13.53
CA LYS A 617 -11.51 -11.42 -13.22
C LYS A 617 -11.78 -12.89 -13.50
N MET A 618 -11.14 -13.44 -14.53
CA MET A 618 -11.23 -14.86 -14.87
C MET A 618 -10.58 -15.76 -13.82
N ILE A 619 -9.48 -15.27 -13.23
CA ILE A 619 -8.75 -15.98 -12.17
C ILE A 619 -9.59 -16.08 -10.88
N ILE A 620 -10.30 -15.01 -10.54
CA ILE A 620 -11.24 -15.04 -9.40
C ILE A 620 -12.30 -16.10 -9.65
N LYS A 621 -12.89 -16.12 -10.84
CA LYS A 621 -13.90 -17.11 -11.20
C LYS A 621 -13.33 -18.53 -11.12
N LEU A 622 -12.11 -18.74 -11.61
CA LEU A 622 -11.42 -20.04 -11.49
C LEU A 622 -11.30 -20.50 -10.03
N ILE A 623 -10.86 -19.60 -9.15
CA ILE A 623 -10.69 -19.92 -7.73
C ILE A 623 -11.99 -20.40 -7.09
N THR A 624 -13.07 -19.67 -7.33
CA THR A 624 -14.38 -20.04 -6.81
C THR A 624 -14.87 -21.35 -7.44
N ALA A 625 -14.56 -21.55 -8.72
CA ALA A 625 -14.95 -22.76 -9.44
C ALA A 625 -14.28 -24.01 -8.85
N ILE A 626 -13.01 -23.87 -8.46
CA ILE A 626 -12.25 -24.94 -7.83
C ILE A 626 -12.85 -25.25 -6.45
N GLY A 627 -13.10 -24.21 -5.67
CA GLY A 627 -13.79 -24.35 -4.38
C GLY A 627 -15.11 -25.10 -4.47
N ASP A 628 -15.92 -24.75 -5.47
CA ASP A 628 -17.22 -25.41 -5.72
C ASP A 628 -17.09 -26.92 -5.89
N VAL A 629 -16.06 -27.36 -6.61
CA VAL A 629 -15.81 -28.79 -6.81
C VAL A 629 -15.17 -29.41 -5.56
N VAL A 630 -14.12 -28.78 -5.05
CA VAL A 630 -13.34 -29.33 -3.94
C VAL A 630 -14.15 -29.40 -2.64
N ASN A 631 -14.85 -28.31 -2.29
CA ASN A 631 -15.53 -28.21 -1.00
C ASN A 631 -16.76 -29.11 -0.87
N HIS A 632 -17.22 -29.64 -1.99
CA HIS A 632 -18.44 -30.46 -2.00
C HIS A 632 -18.19 -31.91 -2.41
N ASP A 633 -16.92 -32.30 -2.50
CA ASP A 633 -16.54 -33.68 -2.77
C ASP A 633 -16.49 -34.42 -1.42
N PRO A 634 -17.37 -35.43 -1.24
CA PRO A 634 -17.47 -36.17 0.03
C PRO A 634 -16.20 -36.94 0.35
N VAL A 635 -15.47 -37.37 -0.68
CA VAL A 635 -14.25 -38.13 -0.53
C VAL A 635 -13.12 -37.29 0.08
N VAL A 636 -13.11 -35.99 -0.24
CA VAL A 636 -12.11 -35.07 0.31
C VAL A 636 -12.35 -34.83 1.79
N GLY A 637 -13.62 -34.69 2.17
CA GLY A 637 -14.00 -34.43 3.56
C GLY A 637 -13.51 -33.06 3.98
N ASP A 638 -12.92 -32.98 5.17
CA ASP A 638 -12.37 -31.72 5.64
C ASP A 638 -10.85 -31.66 5.52
N ARG A 639 -10.29 -32.46 4.60
CA ARG A 639 -8.85 -32.51 4.39
C ARG A 639 -8.34 -31.39 3.48
N LEU A 640 -9.22 -30.87 2.63
CA LEU A 640 -8.89 -29.76 1.75
C LEU A 640 -10.09 -28.86 1.54
N ARG A 641 -9.92 -27.58 1.82
CA ARG A 641 -10.93 -26.56 1.60
C ARG A 641 -10.34 -25.38 0.85
N VAL A 642 -11.09 -24.85 -0.11
CA VAL A 642 -10.66 -23.67 -0.87
C VAL A 642 -11.69 -22.57 -0.71
N ILE A 643 -11.25 -21.44 -0.16
CA ILE A 643 -12.12 -20.33 0.16
C ILE A 643 -11.57 -19.06 -0.48
N PHE A 644 -12.44 -18.33 -1.18
CA PHE A 644 -12.09 -17.00 -1.67
C PHE A 644 -12.52 -15.97 -0.64
N LEU A 645 -11.55 -15.23 -0.12
CA LEU A 645 -11.77 -14.17 0.85
C LEU A 645 -12.27 -12.90 0.17
N GLU A 646 -13.58 -12.66 0.31
CA GLU A 646 -14.28 -11.54 -0.31
C GLU A 646 -13.84 -10.19 0.28
N ASN A 647 -13.71 -9.20 -0.60
CA ASN A 647 -13.47 -7.81 -0.20
C ASN A 647 -12.21 -7.59 0.64
N TYR A 648 -11.10 -8.22 0.24
CA TYR A 648 -9.83 -8.02 0.93
C TYR A 648 -9.46 -6.54 0.97
N ARG A 649 -9.11 -6.09 2.18
CA ARG A 649 -8.86 -4.68 2.48
C ARG A 649 -8.08 -4.64 3.80
N VAL A 650 -7.67 -3.46 4.25
CA VAL A 650 -6.84 -3.35 5.47
C VAL A 650 -7.48 -4.05 6.69
N SER A 651 -8.76 -3.75 6.95
CA SER A 651 -9.45 -4.34 8.11
C SER A 651 -9.52 -5.88 8.05
N LEU A 652 -9.66 -6.44 6.85
CA LEU A 652 -9.62 -7.90 6.71
C LEU A 652 -8.20 -8.45 6.88
N ALA A 653 -7.20 -7.72 6.38
CA ALA A 653 -5.79 -8.10 6.56
C ALA A 653 -5.43 -8.24 8.04
N GLU A 654 -5.99 -7.34 8.86
CA GLU A 654 -5.73 -7.33 10.30
C GLU A 654 -6.29 -8.55 11.01
N LYS A 655 -7.29 -9.19 10.39
CA LYS A 655 -7.90 -10.41 10.91
C LYS A 655 -7.20 -11.68 10.41
N VAL A 656 -7.04 -11.81 9.10
CA VAL A 656 -6.53 -13.04 8.48
C VAL A 656 -5.02 -13.25 8.67
N ILE A 657 -4.24 -12.16 8.68
CA ILE A 657 -2.79 -12.28 8.79
C ILE A 657 -2.31 -12.93 10.10
N PRO A 658 -2.84 -12.50 11.27
CA PRO A 658 -2.52 -13.21 12.52
C PRO A 658 -2.97 -14.68 12.58
N ALA A 659 -3.94 -15.05 11.73
CA ALA A 659 -4.45 -16.41 11.72
C ALA A 659 -3.71 -17.34 10.75
N ALA A 660 -2.77 -16.81 9.98
CA ALA A 660 -2.13 -17.59 8.93
C ALA A 660 -0.99 -18.47 9.43
N ASP A 661 -0.87 -19.66 8.86
CA ASP A 661 0.28 -20.53 9.07
C ASP A 661 1.29 -20.42 7.94
N LEU A 662 0.81 -20.31 6.71
CA LEU A 662 1.67 -20.29 5.54
C LEU A 662 1.36 -19.07 4.67
N SER A 663 2.41 -18.32 4.35
CA SER A 663 2.31 -17.09 3.57
C SER A 663 2.81 -17.33 2.15
N GLU A 664 1.94 -17.16 1.16
CA GLU A 664 2.28 -17.38 -0.25
C GLU A 664 2.79 -16.11 -0.91
N GLN A 665 4.08 -16.11 -1.24
CA GLN A 665 4.75 -14.97 -1.88
C GLN A 665 5.49 -15.46 -3.12
N ILE A 666 4.73 -15.70 -4.18
CA ILE A 666 5.17 -16.57 -5.28
C ILE A 666 5.20 -15.89 -6.66
N SER A 667 5.42 -14.57 -6.67
CA SER A 667 5.61 -13.82 -7.91
C SER A 667 6.84 -14.33 -8.70
N THR A 668 6.81 -14.20 -10.02
CA THR A 668 7.96 -14.55 -10.86
C THR A 668 9.13 -13.66 -10.47
N ALA A 669 10.30 -14.26 -10.27
CA ALA A 669 11.49 -13.49 -9.89
C ALA A 669 11.68 -12.27 -10.78
N GLY A 670 11.88 -11.11 -10.17
CA GLY A 670 12.11 -9.86 -10.90
C GLY A 670 10.88 -8.98 -11.14
N THR A 671 9.72 -9.39 -10.62
CA THR A 671 8.47 -8.68 -10.91
C THR A 671 7.86 -7.95 -9.71
N GLU A 672 7.95 -8.53 -8.52
CA GLU A 672 7.46 -7.86 -7.30
C GLU A 672 8.58 -6.98 -6.76
N ALA A 673 8.47 -5.67 -6.92
CA ALA A 673 9.57 -4.76 -6.52
C ALA A 673 10.02 -5.03 -5.08
N SER A 674 9.06 -5.12 -4.16
CA SER A 674 9.38 -5.45 -2.78
C SER A 674 8.39 -6.44 -2.19
N GLY A 675 7.12 -6.06 -2.19
CA GLY A 675 6.10 -6.74 -1.38
C GLY A 675 6.17 -6.18 0.03
N THR A 676 5.03 -6.12 0.70
CA THR A 676 4.97 -5.71 2.12
C THR A 676 4.08 -6.65 2.91
N GLY A 677 3.11 -7.25 2.23
CA GLY A 677 2.28 -8.30 2.82
C GLY A 677 3.18 -9.39 3.39
N ASN A 678 4.22 -9.75 2.64
CA ASN A 678 5.24 -10.71 3.10
C ASN A 678 5.77 -10.43 4.52
N MET A 679 6.12 -9.17 4.78
CA MET A 679 6.64 -8.73 6.07
C MET A 679 5.60 -8.82 7.19
N1 LLP A 680 -3.48 -4.75 0.26
C2 LLP A 680 -3.67 -4.58 1.63
C2' LLP A 680 -5.05 -4.30 2.12
C3 LLP A 680 -2.59 -4.66 2.50
O3 LLP A 680 -2.79 -4.50 3.71
C4 LLP A 680 -1.30 -4.93 1.99
C4' LLP A 680 -0.08 -5.03 2.88
C5 LLP A 680 -1.13 -5.07 0.60
C6 LLP A 680 -2.23 -5.00 -0.24
C5' LLP A 680 0.20 -5.39 0.00
OP4 LLP A 680 0.45 -6.82 -0.11
P LLP A 680 1.49 -7.45 -1.18
OP1 LLP A 680 1.33 -8.88 -0.91
OP2 LLP A 680 0.99 -7.00 -2.49
OP3 LLP A 680 2.80 -6.85 -0.79
N LLP A 680 4.35 -8.52 6.85
CA LLP A 680 3.22 -8.65 7.77
CB LLP A 680 1.92 -8.16 7.11
CG LLP A 680 1.95 -6.70 6.62
CD LLP A 680 0.67 -6.37 5.84
CE LLP A 680 0.84 -5.08 5.01
NZ LLP A 680 -0.36 -4.83 4.16
C LLP A 680 3.04 -10.09 8.28
O LLP A 680 2.88 -10.32 9.49
N PHE A 681 3.05 -11.05 7.36
CA PHE A 681 2.99 -12.48 7.72
C PHE A 681 4.17 -12.96 8.56
N MET A 682 5.36 -12.47 8.27
CA MET A 682 6.56 -12.85 9.01
C MET A 682 6.48 -12.41 10.48
N LEU A 683 5.96 -11.20 10.70
CA LEU A 683 5.87 -10.62 12.03
C LEU A 683 4.81 -11.32 12.88
N ASN A 684 3.87 -11.98 12.21
CA ASN A 684 2.70 -12.55 12.89
C ASN A 684 2.70 -14.07 13.03
N GLY A 685 3.83 -14.71 12.76
CA GLY A 685 4.02 -16.13 13.07
C GLY A 685 3.63 -17.11 11.99
N ALA A 686 3.68 -16.66 10.74
CA ALA A 686 3.49 -17.55 9.62
C ALA A 686 4.84 -17.85 8.98
N LEU A 687 4.97 -19.05 8.43
CA LEU A 687 6.16 -19.36 7.62
C LEU A 687 5.88 -18.98 6.16
N THR A 688 6.94 -18.74 5.41
CA THR A 688 6.82 -18.21 4.04
C THR A 688 7.26 -19.23 2.99
N ILE A 689 6.38 -19.51 2.04
CA ILE A 689 6.80 -20.16 0.79
C ILE A 689 6.90 -19.09 -0.30
N GLY A 690 8.09 -18.96 -0.88
CA GLY A 690 8.33 -17.86 -1.81
C GLY A 690 9.48 -18.01 -2.77
N THR A 691 9.41 -17.22 -3.84
CA THR A 691 10.51 -17.07 -4.78
C THR A 691 11.49 -16.06 -4.23
N MET A 692 12.70 -16.07 -4.78
CA MET A 692 13.69 -15.06 -4.46
C MET A 692 13.37 -13.79 -5.26
N ASP A 693 12.35 -13.09 -4.80
CA ASP A 693 11.86 -11.87 -5.46
C ASP A 693 11.61 -10.80 -4.41
N GLY A 694 11.83 -9.55 -4.80
CA GLY A 694 11.58 -8.42 -3.90
C GLY A 694 12.20 -8.61 -2.53
N ALA A 695 11.45 -8.25 -1.50
CA ALA A 695 11.96 -8.29 -0.13
C ALA A 695 12.15 -9.71 0.42
N ASN A 696 11.52 -10.70 -0.23
CA ASN A 696 11.68 -12.11 0.14
C ASN A 696 13.16 -12.48 0.31
N VAL A 697 14.00 -11.95 -0.57
CA VAL A 697 15.46 -12.22 -0.54
C VAL A 697 16.09 -11.77 0.77
N GLU A 698 15.69 -10.59 1.24
CA GLU A 698 16.22 -10.02 2.47
C GLU A 698 15.61 -10.68 3.69
N MET A 699 14.34 -11.06 3.60
CA MET A 699 13.68 -11.82 4.66
C MET A 699 14.38 -13.15 4.91
N ALA A 700 14.63 -13.89 3.82
CA ALA A 700 15.34 -15.17 3.89
C ALA A 700 16.76 -15.01 4.42
N GLU A 701 17.43 -13.94 3.99
CA GLU A 701 18.76 -13.61 4.47
C GLU A 701 18.78 -13.35 5.98
N GLU A 702 17.79 -12.59 6.47
CA GLU A 702 17.67 -12.29 7.90
C GLU A 702 17.37 -13.53 8.75
N ALA A 703 16.39 -14.32 8.34
CA ALA A 703 15.97 -15.50 9.10
C ALA A 703 16.93 -16.70 8.92
N GLY A 704 17.61 -16.72 7.79
CA GLY A 704 18.39 -17.88 7.38
C GLY A 704 17.56 -18.71 6.41
N GLU A 705 18.18 -19.11 5.30
CA GLU A 705 17.50 -19.83 4.23
C GLU A 705 16.85 -21.15 4.65
N GLU A 706 17.40 -21.77 5.70
CA GLU A 706 16.87 -23.02 6.24
C GLU A 706 15.53 -22.83 6.93
N ASN A 707 15.23 -21.58 7.31
CA ASN A 707 13.98 -21.26 7.99
C ASN A 707 12.96 -20.61 7.08
N PHE A 708 13.19 -20.76 5.78
CA PHE A 708 12.35 -20.20 4.73
C PHE A 708 12.11 -21.27 3.67
N PHE A 709 10.92 -21.30 3.08
CA PHE A 709 10.63 -22.26 2.03
C PHE A 709 10.80 -21.64 0.65
N ILE A 710 12.04 -21.60 0.18
CA ILE A 710 12.41 -20.99 -1.08
C ILE A 710 12.34 -22.00 -2.21
N PHE A 711 11.79 -21.56 -3.35
CA PHE A 711 11.71 -22.41 -4.53
C PHE A 711 11.83 -21.55 -5.80
N GLY A 712 12.07 -22.22 -6.92
CA GLY A 712 11.84 -21.65 -8.24
C GLY A 712 13.02 -20.96 -8.86
N MET A 713 12.79 -20.43 -10.06
CA MET A 713 13.78 -19.66 -10.79
C MET A 713 14.22 -18.43 -10.01
N ARG A 714 15.51 -18.11 -10.09
CA ARG A 714 16.02 -16.80 -9.68
C ARG A 714 15.91 -15.89 -10.89
N VAL A 715 16.14 -14.59 -10.69
CA VAL A 715 16.09 -13.61 -11.78
C VAL A 715 16.96 -14.04 -12.97
N GLU A 716 18.15 -14.55 -12.68
CA GLU A 716 19.10 -15.01 -13.71
C GLU A 716 18.56 -16.17 -14.56
N ASP A 717 17.80 -17.05 -13.91
CA ASP A 717 17.18 -18.19 -14.58
C ASP A 717 16.05 -17.76 -15.50
N VAL A 718 15.31 -16.73 -15.08
CA VAL A 718 14.25 -16.16 -15.90
C VAL A 718 14.86 -15.56 -17.17
N ASP A 719 15.94 -14.79 -16.99
CA ASP A 719 16.69 -14.20 -18.09
C ASP A 719 17.19 -15.24 -19.09
N ARG A 720 17.75 -16.34 -18.59
CA ARG A 720 18.24 -17.43 -19.43
C ARG A 720 17.11 -18.07 -20.23
N LEU A 721 15.95 -18.22 -19.60
CA LEU A 721 14.78 -18.82 -20.26
C LEU A 721 14.24 -17.91 -21.38
N ASP A 722 14.25 -16.60 -21.14
CA ASP A 722 13.81 -15.61 -22.14
C ASP A 722 14.72 -15.57 -23.36
N GLN A 723 16.03 -15.70 -23.13
CA GLN A 723 17.03 -15.72 -24.20
C GLN A 723 16.84 -16.93 -25.11
N ARG A 724 16.50 -18.05 -24.48
CA ARG A 724 16.24 -19.31 -25.15
C ARG A 724 14.87 -19.32 -25.83
N GLY A 725 13.90 -18.69 -25.17
CA GLY A 725 12.52 -18.73 -25.60
C GLY A 725 11.71 -19.65 -24.69
N TYR A 726 10.73 -19.07 -24.00
CA TYR A 726 9.89 -19.84 -23.12
C TYR A 726 8.84 -20.64 -23.89
N ASN A 727 8.90 -21.96 -23.77
CA ASN A 727 7.94 -22.85 -24.40
C ASN A 727 7.19 -23.68 -23.35
N ALA A 728 5.95 -23.28 -23.08
CA ALA A 728 5.13 -23.92 -22.06
C ALA A 728 4.77 -25.37 -22.39
N GLN A 729 4.66 -25.67 -23.68
CA GLN A 729 4.35 -27.02 -24.17
C GLN A 729 5.34 -28.06 -23.66
N GLU A 730 6.62 -27.68 -23.60
CA GLU A 730 7.67 -28.54 -23.04
C GLU A 730 7.30 -29.08 -21.65
N TYR A 731 6.83 -28.21 -20.77
CA TYR A 731 6.44 -28.59 -19.42
C TYR A 731 5.19 -29.47 -19.42
N TYR A 732 4.23 -29.11 -20.26
CA TYR A 732 3.00 -29.88 -20.46
C TYR A 732 3.30 -31.31 -20.91
N ASP A 733 4.25 -31.46 -21.84
CA ASP A 733 4.64 -32.76 -22.39
C ASP A 733 5.35 -33.65 -21.37
N ARG A 734 6.11 -33.04 -20.47
CA ARG A 734 7.02 -33.79 -19.60
C ARG A 734 6.52 -33.98 -18.16
N ILE A 735 5.38 -33.36 -17.84
CA ILE A 735 4.82 -33.46 -16.48
C ILE A 735 3.37 -33.94 -16.55
N PRO A 736 3.15 -35.25 -16.32
CA PRO A 736 1.82 -35.86 -16.41
C PRO A 736 0.78 -35.23 -15.47
N GLU A 737 1.18 -34.86 -14.25
CA GLU A 737 0.29 -34.21 -13.29
C GLU A 737 -0.20 -32.86 -13.79
N LEU A 738 0.70 -32.10 -14.42
CA LEU A 738 0.38 -30.81 -15.03
C LEU A 738 -0.54 -30.96 -16.24
N ARG A 739 -0.30 -32.00 -17.04
CA ARG A 739 -1.10 -32.31 -18.23
C ARG A 739 -2.55 -32.62 -17.84
N GLN A 740 -2.72 -33.40 -16.77
CA GLN A 740 -4.05 -33.74 -16.24
C GLN A 740 -4.86 -32.49 -15.87
N ILE A 741 -4.21 -31.54 -15.21
CA ILE A 741 -4.86 -30.29 -14.79
C ILE A 741 -5.36 -29.48 -15.99
N ILE A 742 -4.48 -29.29 -16.98
CA ILE A 742 -4.82 -28.56 -18.20
C ILE A 742 -5.96 -29.23 -18.95
N GLU A 743 -5.92 -30.56 -19.02
CA GLU A 743 -7.00 -31.32 -19.64
C GLU A 743 -8.31 -31.19 -18.87
N GLN A 744 -8.23 -31.15 -17.54
CA GLN A 744 -9.41 -30.92 -16.71
C GLN A 744 -10.02 -29.54 -16.96
N LEU A 745 -9.17 -28.51 -16.99
CA LEU A 745 -9.60 -27.14 -17.27
C LEU A 745 -10.24 -27.00 -18.65
N SER A 746 -9.59 -27.58 -19.65
CA SER A 746 -10.05 -27.52 -21.05
C SER A 746 -11.37 -28.25 -21.28
N SER A 747 -11.52 -29.43 -20.70
CA SER A 747 -12.68 -30.30 -20.96
C SER A 747 -13.96 -29.83 -20.27
N GLY A 748 -13.82 -29.02 -19.23
CA GLY A 748 -14.98 -28.47 -18.52
C GLY A 748 -15.26 -29.13 -17.18
N PHE A 749 -14.22 -29.71 -16.57
CA PHE A 749 -14.33 -30.37 -15.28
C PHE A 749 -14.76 -29.41 -14.17
N PHE A 750 -14.23 -28.20 -14.19
CA PHE A 750 -14.55 -27.17 -13.20
C PHE A 750 -15.66 -26.21 -13.64
N SER A 751 -16.26 -26.50 -14.79
CA SER A 751 -17.39 -25.73 -15.31
C SER A 751 -18.25 -26.60 -16.23
N PRO A 752 -19.02 -27.55 -15.64
CA PRO A 752 -19.74 -28.55 -16.43
C PRO A 752 -20.79 -27.96 -17.38
N LYS A 753 -21.47 -26.90 -16.93
CA LYS A 753 -22.51 -26.24 -17.72
C LYS A 753 -21.92 -25.37 -18.82
N GLN A 754 -20.74 -24.83 -18.57
CA GLN A 754 -20.01 -24.00 -19.55
C GLN A 754 -18.63 -24.62 -19.79
N PRO A 755 -18.55 -25.68 -20.61
CA PRO A 755 -17.29 -26.44 -20.80
C PRO A 755 -16.10 -25.59 -21.23
N ASP A 756 -16.33 -24.55 -22.02
CA ASP A 756 -15.23 -23.74 -22.54
C ASP A 756 -14.97 -22.46 -21.72
N LEU A 757 -15.55 -22.37 -20.52
CA LEU A 757 -15.45 -21.16 -19.71
C LEU A 757 -14.00 -20.68 -19.50
N PHE A 758 -13.09 -21.63 -19.25
CA PHE A 758 -11.71 -21.29 -18.92
C PHE A 758 -10.73 -21.39 -20.10
N LYS A 759 -11.27 -21.34 -21.31
CA LYS A 759 -10.46 -21.46 -22.55
C LYS A 759 -9.37 -20.39 -22.65
N ASP A 760 -9.68 -19.17 -22.23
CA ASP A 760 -8.72 -18.05 -22.28
C ASP A 760 -7.53 -18.26 -21.34
N ILE A 761 -7.81 -18.82 -20.16
CA ILE A 761 -6.77 -19.12 -19.17
C ILE A 761 -5.81 -20.19 -19.70
N VAL A 762 -6.37 -21.29 -20.18
CA VAL A 762 -5.58 -22.37 -20.78
C VAL A 762 -4.74 -21.85 -21.93
N ASN A 763 -5.35 -21.01 -22.76
CA ASN A 763 -4.67 -20.43 -23.92
C ASN A 763 -3.48 -19.58 -23.54
N MET A 764 -3.68 -18.71 -22.55
CA MET A 764 -2.63 -17.83 -22.06
C MET A 764 -1.49 -18.66 -21.46
N LEU A 765 -1.84 -19.65 -20.64
CA LEU A 765 -0.87 -20.55 -20.02
C LEU A 765 -0.01 -21.30 -21.04
N MET A 766 -0.68 -21.81 -22.08
CA MET A 766 -0.03 -22.61 -23.12
C MET A 766 0.76 -21.80 -24.15
N HIS A 767 0.31 -20.58 -24.45
CA HIS A 767 0.90 -19.80 -25.56
C HIS A 767 1.39 -18.39 -25.23
N HIS A 768 0.77 -17.73 -24.25
CA HIS A 768 1.09 -16.30 -24.02
C HIS A 768 1.38 -15.94 -22.56
N ASP A 769 2.10 -16.81 -21.85
CA ASP A 769 2.38 -16.60 -20.43
C ASP A 769 3.67 -15.83 -20.20
N ARG A 770 3.53 -14.53 -19.95
CA ARG A 770 4.65 -13.65 -19.65
C ARG A 770 5.34 -14.01 -18.32
N PHE A 771 4.66 -14.76 -17.48
CA PHE A 771 5.16 -14.96 -16.11
C PHE A 771 5.57 -16.41 -15.74
N LYS A 772 5.63 -17.27 -16.76
CA LYS A 772 6.29 -18.58 -16.64
C LYS A 772 5.76 -19.45 -15.51
N VAL A 773 4.44 -19.57 -15.43
CA VAL A 773 3.75 -20.34 -14.41
C VAL A 773 4.21 -21.81 -14.41
N PHE A 774 4.23 -22.44 -15.59
CA PHE A 774 4.62 -23.83 -15.73
C PHE A 774 6.06 -24.09 -15.29
N ALA A 775 6.94 -23.15 -15.58
CA ALA A 775 8.37 -23.28 -15.29
C ALA A 775 8.70 -23.45 -13.81
N ASP A 776 7.84 -22.92 -12.93
CA ASP A 776 8.06 -23.05 -11.49
C ASP A 776 7.16 -24.12 -10.83
N TYR A 777 6.31 -24.77 -11.62
CA TYR A 777 5.33 -25.71 -11.08
C TYR A 777 5.94 -26.86 -10.29
N GLU A 778 6.89 -27.57 -10.92
CA GLU A 778 7.54 -28.74 -10.27
C GLU A 778 8.18 -28.40 -8.92
N GLU A 779 9.08 -27.42 -8.93
CA GLU A 779 9.73 -26.98 -7.70
C GLU A 779 8.76 -26.49 -6.61
N TYR A 780 7.68 -25.82 -7.03
CA TYR A 780 6.65 -25.32 -6.12
C TYR A 780 5.96 -26.44 -5.36
N VAL A 781 5.48 -27.44 -6.12
CA VAL A 781 4.78 -28.60 -5.56
C VAL A 781 5.69 -29.39 -4.60
N LYS A 782 6.95 -29.60 -4.98
CA LYS A 782 7.91 -30.30 -4.12
C LYS A 782 8.22 -29.53 -2.84
N CYS A 783 8.34 -28.21 -2.95
CA CYS A 783 8.55 -27.35 -1.79
C CYS A 783 7.35 -27.38 -0.84
N GLN A 784 6.14 -27.40 -1.42
CA GLN A 784 4.89 -27.52 -0.67
C GLN A 784 4.79 -28.83 0.12
N GLU A 785 5.38 -29.90 -0.42
CA GLU A 785 5.48 -31.18 0.27
C GLU A 785 6.33 -31.04 1.54
N ARG A 786 7.43 -30.28 1.45
CA ARG A 786 8.31 -30.02 2.58
C ARG A 786 7.64 -29.21 3.69
N VAL A 787 6.71 -28.34 3.29
CA VAL A 787 5.89 -27.57 4.23
C VAL A 787 4.97 -28.50 5.03
N SER A 788 4.26 -29.38 4.32
CA SER A 788 3.31 -30.32 4.94
C SER A 788 4.00 -31.25 5.92
N ALA A 789 5.23 -31.67 5.57
CA ALA A 789 6.05 -32.53 6.43
C ALA A 789 6.42 -31.83 7.73
N LEU A 790 6.84 -30.56 7.66
CA LEU A 790 7.19 -29.80 8.86
C LEU A 790 5.97 -29.53 9.75
N TYR A 791 4.81 -29.32 9.12
CA TYR A 791 3.59 -29.04 9.88
C TYR A 791 3.13 -30.25 10.72
N LYS A 792 3.51 -31.45 10.28
CA LYS A 792 3.28 -32.70 11.02
C LYS A 792 4.00 -32.76 12.37
N ASN A 793 5.01 -31.91 12.54
CA ASN A 793 5.77 -31.78 13.77
C ASN A 793 5.61 -30.38 14.39
N PRO A 794 4.53 -30.18 15.16
CA PRO A 794 4.16 -28.87 15.72
C PRO A 794 5.29 -28.14 16.45
N ARG A 795 6.13 -28.89 17.16
CA ARG A 795 7.20 -28.29 17.95
C ARG A 795 8.26 -27.63 17.07
N GLU A 796 8.68 -28.33 16.03
CA GLU A 796 9.72 -27.83 15.12
C GLU A 796 9.19 -26.77 14.15
N TRP A 797 7.91 -26.88 13.78
CA TRP A 797 7.22 -25.82 13.05
C TRP A 797 7.30 -24.51 13.85
N THR A 798 6.88 -24.57 15.11
CA THR A 798 6.86 -23.40 16.00
C THR A 798 8.25 -22.84 16.26
N ARG A 799 9.26 -23.70 16.37
CA ARG A 799 10.63 -23.25 16.57
C ARG A 799 11.14 -22.47 15.35
N MET A 800 10.76 -22.92 14.16
CA MET A 800 11.09 -22.20 12.94
C MET A 800 10.33 -20.86 12.89
N VAL A 801 9.06 -20.89 13.30
CA VAL A 801 8.26 -19.67 13.44
C VAL A 801 8.96 -18.65 14.34
N ILE A 802 9.42 -19.08 15.52
CA ILE A 802 10.14 -18.20 16.46
C ILE A 802 11.39 -17.59 15.83
N ARG A 803 12.10 -18.37 15.01
CA ARG A 803 13.28 -17.86 14.34
C ARG A 803 12.95 -16.83 13.26
N ASN A 804 11.73 -16.90 12.70
CA ASN A 804 11.23 -15.87 11.77
C ASN A 804 10.87 -14.58 12.50
N ILE A 805 9.96 -14.66 13.47
CA ILE A 805 9.54 -13.50 14.25
C ILE A 805 10.75 -12.77 14.83
N ALA A 806 11.71 -13.53 15.35
CA ALA A 806 12.90 -12.98 15.99
C ALA A 806 13.82 -12.19 15.06
N THR A 807 13.76 -12.48 13.76
CA THR A 807 14.62 -11.80 12.76
C THR A 807 13.85 -10.84 11.83
N SER A 808 12.62 -10.51 12.20
CA SER A 808 11.77 -9.64 11.38
C SER A 808 12.01 -8.14 11.61
N GLY A 809 12.89 -7.81 12.56
CA GLY A 809 13.16 -6.42 12.97
C GLY A 809 13.55 -5.45 11.87
N LYS A 810 14.33 -5.93 10.90
CA LYS A 810 14.75 -5.09 9.76
C LYS A 810 13.56 -4.48 9.01
N PHE A 811 12.42 -5.17 9.04
CA PHE A 811 11.29 -4.79 8.19
C PHE A 811 10.26 -3.90 8.87
N SER A 812 10.69 -3.26 9.95
CA SER A 812 9.95 -2.16 10.56
C SER A 812 10.14 -0.91 9.71
N SER A 813 9.03 -0.24 9.41
CA SER A 813 9.11 1.04 8.68
C SER A 813 9.84 2.14 9.46
N ASP A 814 10.05 1.95 10.76
CA ASP A 814 10.91 2.87 11.53
C ASP A 814 12.33 2.85 10.98
N ARG A 815 12.83 1.66 10.65
CA ARG A 815 14.16 1.52 10.04
C ARG A 815 14.18 2.19 8.65
N THR A 816 13.20 1.88 7.81
CA THR A 816 13.10 2.47 6.48
C THR A 816 13.11 4.01 6.54
N ILE A 817 12.26 4.57 7.39
CA ILE A 817 12.13 6.02 7.49
C ILE A 817 13.39 6.67 8.05
N ALA A 818 14.01 6.03 9.05
CA ALA A 818 15.29 6.50 9.55
C ALA A 818 16.34 6.58 8.43
N GLN A 819 16.32 5.62 7.50
CA GLN A 819 17.22 5.63 6.35
C GLN A 819 16.93 6.76 5.34
N TYR A 820 15.66 6.96 5.00
CA TYR A 820 15.24 8.11 4.19
C TYR A 820 15.69 9.43 4.82
N ALA A 821 15.46 9.55 6.13
CA ALA A 821 15.77 10.77 6.88
C ALA A 821 17.26 11.13 6.80
N ARG A 822 18.12 10.14 7.08
CA ARG A 822 19.57 10.36 7.13
C ARG A 822 20.23 10.45 5.75
N GLU A 823 19.78 9.62 4.81
CA GLU A 823 20.46 9.45 3.54
C GLU A 823 19.86 10.23 2.36
N ILE A 824 18.61 10.69 2.51
CA ILE A 824 17.94 11.45 1.45
C ILE A 824 17.50 12.85 1.88
N TRP A 825 16.76 12.94 2.98
CA TRP A 825 16.16 14.20 3.43
C TRP A 825 17.09 15.09 4.22
N GLY A 826 18.13 14.49 4.82
CA GLY A 826 19.13 15.22 5.58
C GLY A 826 18.58 15.71 6.91
N VAL A 827 17.83 14.86 7.60
CA VAL A 827 17.28 15.17 8.92
C VAL A 827 17.50 14.02 9.89
N GLU A 828 17.67 14.37 11.17
CA GLU A 828 17.93 13.40 12.21
C GLU A 828 16.63 13.04 12.94
N PRO A 829 16.24 11.75 12.90
CA PRO A 829 15.09 11.29 13.69
C PRO A 829 15.30 11.46 15.20
N SER A 830 14.19 11.58 15.93
CA SER A 830 14.23 11.73 17.39
C SER A 830 13.20 10.82 18.06
N ARG A 831 13.62 10.19 19.16
CA ARG A 831 12.70 9.34 19.94
C ARG A 831 12.21 10.03 21.21
N GLN A 832 12.56 11.31 21.37
CA GLN A 832 12.21 12.07 22.56
C GLN A 832 10.74 12.51 22.58
N ARG A 833 10.12 12.38 23.75
CA ARG A 833 8.76 12.84 23.99
C ARG A 833 8.63 14.35 23.93
N LEU A 834 7.52 14.82 23.36
CA LEU A 834 7.07 16.20 23.56
C LEU A 834 6.22 16.20 24.83
N PRO A 835 6.22 17.33 25.58
CA PRO A 835 5.42 17.40 26.80
C PRO A 835 3.92 17.19 26.55
N ALA A 836 3.28 16.41 27.42
CA ALA A 836 1.87 16.02 27.28
C ALA A 836 0.92 17.17 27.59
C1A Z15 B . -11.91 -9.62 15.20
O1 Z15 B . -12.70 -8.63 15.71
C2A Z15 B . -10.51 -9.60 15.34
C3A Z15 B . -9.72 -10.61 14.80
C4A Z15 B . -10.33 -11.67 14.14
O4A Z15 B . -9.60 -12.68 13.61
C5A Z15 B . -11.71 -11.69 14.01
CL5 Z15 B . -12.40 -13.03 13.17
C6A Z15 B . -12.51 -10.69 14.53
C1 Z15 B . -9.83 -8.43 16.06
C2 Z15 B . -8.89 -8.92 17.17
O2 Z15 B . -9.59 -9.66 18.16
C3 Z15 B . -8.23 -7.72 17.84
O3 Z15 B . -7.27 -8.17 18.78
C4 Z15 B . -7.56 -6.83 16.79
O4 Z15 B . -7.07 -5.67 17.44
C5 Z15 B . -8.55 -6.46 15.68
O5 Z15 B . -9.08 -7.67 15.10
C6 Z15 B . -7.92 -5.68 14.53
O6 Z15 B . -6.99 -6.57 13.86
C1A Z15 C . 1.61 -0.60 -6.29
O1 Z15 C . 0.74 -1.18 -5.41
C2A Z15 C . 2.97 -0.89 -6.24
C3A Z15 C . 3.85 -0.27 -7.14
C4A Z15 C . 3.35 0.62 -8.10
O4A Z15 C . 4.21 1.22 -8.98
C5A Z15 C . 1.98 0.89 -8.15
CL5 Z15 C . 1.36 2.00 -9.33
C6A Z15 C . 1.12 0.29 -7.25
C1 Z15 C . 3.52 -1.84 -5.16
C2 Z15 C . 4.44 -3.00 -5.62
O2 Z15 C . 3.73 -3.88 -6.49
C3 Z15 C . 4.94 -3.78 -4.39
O3 Z15 C . 5.90 -4.77 -4.80
C4 Z15 C . 5.58 -2.83 -3.36
O4 Z15 C . 5.82 -3.56 -2.15
C5 Z15 C . 4.67 -1.62 -3.04
O5 Z15 C . 4.29 -0.96 -4.27
C6 Z15 C . 5.33 -0.56 -2.16
O6 Z15 C . 6.64 -0.25 -2.65
C1A Z16 D . 1.74 -0.40 -6.19
O1 Z16 D . 0.99 -0.80 -5.12
C2A Z16 D . 3.05 -0.83 -6.35
C3A Z16 D . 3.79 -0.39 -7.46
C4A Z16 D . 3.20 0.45 -8.40
O4A Z16 D . 3.90 0.88 -9.48
C5A Z16 D . 1.89 0.87 -8.24
C6A Z16 D . 1.15 0.44 -7.13
CL6 Z16 D . -0.47 0.98 -6.92
C1 Z16 D . 3.69 -1.74 -5.29
C2 Z16 D . 4.77 -2.72 -5.79
O2 Z16 D . 4.25 -3.55 -6.84
C3 Z16 D . 5.28 -3.59 -4.62
O3 Z16 D . 6.37 -4.42 -5.03
C4 Z16 D . 5.71 -2.72 -3.42
O4 Z16 D . 5.88 -3.56 -2.27
C5 Z16 D . 4.66 -1.64 -3.10
O5 Z16 D . 4.31 -0.88 -4.29
C6 Z16 D . 5.12 -0.65 -2.01
O6 Z16 D . 6.38 -0.07 -2.36
#